data_6MUP
#
_entry.id   6MUP
#
loop_
_entity.id
_entity.type
_entity.pdbx_description
1 polymer 'Histone H3-like centromeric protein A'
2 polymer 'Histone H4'
3 polymer 'Histone H2A type 1-C'
4 polymer 'Histone H2B type 2-F'
5 polymer 'DNA (147-MER)'
6 polymer 'DNA (147-MER)'
7 polymer 'Centromere protein C'
8 polymer 'Centromere protein N'
#
loop_
_entity_poly.entity_id
_entity_poly.type
_entity_poly.pdbx_seq_one_letter_code
_entity_poly.pdbx_strand_id
1 'polypeptide(L)'
;HQHSRRRQGWLKEIRKLQKSTHLLIRKLPFSRLAREICVKFTRGVDFNWQAQALLALQEAAEAFLVHLFEDAYLLTLHAG
RVTLFPKDVQLARRIRGLEEGL
;
A,E
2 'polypeptide(L)'
;KGLGKGGAKRHRKVLRDNIQGITKPAIRRLARRGGVKRISGLIYEETRGVLKVFLENVIRDAVTYTEHAKRKTVTAMDVV
YALKRQGRTLYGFG
;
B,F
3 'polypeptide(L)'
;KAKSRSSRAGLQFPVGRVHRLLRKGNYAERVGAGAPVYLAAVLEYLTAEILELAGNAARDNKKTRIIPRHLQLAIRNDEE
LNKLLGRVTIAQGGVLPNIQSVLLP
;
C,G
4 'polypeptide(L)'
;RKESYSVYVYKVLKQVHPDTGISSKAMGIMNSFVNDIFERIAGEASRLAHYNKRSTITSREIQTAVRLLLPGELAKHAVS
EGTKAVTKYTSS
;
D,H
5 'polydeoxyribonucleotide'
;(DA)(DT)(DC)(DA)(DA)(DA)(DT)(DA)(DT)(DC)(DC)(DA)(DC)(DC)(DT)(DG)(DC)(DA)(DG)(DA)
(DT)(DT)(DC)(DT)(DA)(DC)(DC)(DA)(DA)(DA)(DA)(DG)(DT)(DG)(DT)(DA)(DT)(DT)(DT)(DG)
(DG)(DA)(DA)(DA)(DC)(DT)(DG)(DC)(DT)(DC)(DC)(DA)(DT)(DC)(DA)(DA)(DA)(DA)(DG)(DG)
(DC)(DA)(DT)(DG)(DT)(DT)(DC)(DA)(DG)(DC)(DT)(DC)(DT)(DG)(DT)(DG)(DA)(DG)(DT)(DG)
(DA)(DA)(DA)(DC)(DT)(DC)(DC)(DA)(DT)(DC)(DA)(DT)(DC)(DA)(DC)(DA)(DA)(DA)(DG)(DA)
(DA)(DT)(DA)(DT)(DT)(DC)(DT)(DG)(DA)(DG)(DA)(DA)(DT)(DG)(DC)(DT)(DT)(DC)(DC)(DG)
(DT)(DT)(DT)(DG)(DC)(DC)(DT)(DT)(DT)(DT)(DA)(DT)(DA)(DT)(DG)(DA)(DA)(DC)(DT)(DT)
(DC)(DC)(DT)(DC)(DG)(DA)(DT)
;
I
6 'polydeoxyribonucleotide'
;(DA)(DT)(DC)(DG)(DA)(DG)(DG)(DA)(DA)(DG)(DT)(DT)(DC)(DA)(DT)(DA)(DT)(DA)(DA)(DA)
(DA)(DG)(DG)(DC)(DA)(DA)(DA)(DC)(DG)(DG)(DA)(DA)(DG)(DC)(DA)(DT)(DT)(DC)(DT)(DC)
(DA)(DG)(DA)(DA)(DT)(DA)(DT)(DT)(DC)(DT)(DT)(DT)(DG)(DT)(DG)(DA)(DT)(DG)(DA)(DT)
(DG)(DG)(DA)(DG)(DT)(DT)(DT)(DC)(DA)(DC)(DT)(DC)(DA)(DC)(DA)(DG)(DA)(DG)(DC)(DT)
(DG)(DA)(DA)(DC)(DA)(DT)(DG)(DC)(DC)(DT)(DT)(DT)(DT)(DG)(DA)(DT)(DG)(DG)(DA)(DG)
(DC)(DA)(DG)(DT)(DT)(DT)(DC)(DC)(DA)(DA)(DA)(DT)(DA)(DC)(DA)(DC)(DT)(DT)(DT)(DT)
(DG)(DG)(DT)(DA)(DG)(DA)(DA)(DT)(DC)(DT)(DG)(DC)(DA)(DG)(DG)(DT)(DG)(DG)(DA)(DT)
(DA)(DT)(DT)(DT)(DG)(DA)(DT)
;
J
7 'polypeptide(L)' TKSRRISRRPSDWWVVKSEE K,L
8 'polypeptide(L)'
;MDETVAEFIKRTILKIPMNELTTILKAWDFLSENQLQTVNFRQRKESVVQHLIHLCEEKRASISDAALLDIIYMQFHQHQ
KVWDVFQMSKGPGEDVDLFDMKQFKNSFKKILQRALKNVTVSFRETEENAVWIRIAWGTQYTKPNQYKPTYVVYYSQTPY
AFTSSSMLRRNTPLLGQALTIASKHHQIVKMDLRSRYLDSLKAIVFKQYNQT
;
M,N
#
# COMPACT_ATOMS: atom_id res chain seq x y z
N HIS A 1 31.94 47.20 -19.35
CA HIS A 1 30.97 48.11 -18.75
C HIS A 1 30.44 47.54 -17.45
N GLN A 2 29.16 47.80 -17.16
CA GLN A 2 28.53 47.37 -15.92
C GLN A 2 28.26 45.87 -15.99
N HIS A 3 29.31 45.09 -15.78
CA HIS A 3 29.20 43.65 -15.69
C HIS A 3 28.85 43.25 -14.27
N SER A 4 27.71 42.57 -14.12
CA SER A 4 27.33 42.01 -12.83
C SER A 4 27.99 40.64 -12.66
N ARG A 5 27.63 39.97 -11.57
CA ARG A 5 27.99 38.56 -11.41
C ARG A 5 26.98 37.73 -12.19
N ARG A 6 26.90 36.42 -11.92
CA ARG A 6 26.44 35.45 -12.90
C ARG A 6 24.95 35.60 -13.14
N ARG A 7 24.61 36.56 -14.03
CA ARG A 7 23.27 37.16 -14.14
C ARG A 7 22.70 37.47 -12.76
N GLN A 8 23.52 38.18 -11.96
CA GLN A 8 23.71 37.94 -10.53
C GLN A 8 22.46 37.71 -9.68
N GLY A 9 22.26 36.48 -9.19
CA GLY A 9 23.00 35.30 -9.61
C GLY A 9 22.05 34.30 -10.24
N TRP A 10 22.18 33.04 -9.82
CA TRP A 10 21.14 32.04 -10.10
C TRP A 10 19.86 32.34 -9.34
N LEU A 11 19.99 33.06 -8.22
CA LEU A 11 19.02 33.01 -7.14
C LEU A 11 17.71 33.68 -7.52
N LYS A 12 17.70 34.47 -8.59
CA LYS A 12 16.43 34.96 -9.09
C LYS A 12 15.64 33.83 -9.73
N GLU A 13 16.33 32.88 -10.35
CA GLU A 13 15.62 31.85 -11.10
C GLU A 13 15.02 30.81 -10.18
N ILE A 14 15.67 30.53 -9.05
CA ILE A 14 15.09 29.61 -8.09
C ILE A 14 13.84 30.22 -7.47
N ARG A 15 13.92 31.45 -7.00
CA ARG A 15 12.75 32.00 -6.34
C ARG A 15 11.66 32.42 -7.32
N LYS A 16 11.95 32.42 -8.61
CA LYS A 16 10.87 32.62 -9.57
C LYS A 16 10.20 31.30 -9.89
N LEU A 17 10.95 30.21 -9.87
CA LEU A 17 10.36 28.94 -10.25
C LEU A 17 9.69 28.24 -9.07
N GLN A 18 10.15 28.45 -7.86
CA GLN A 18 9.43 27.90 -6.74
C GLN A 18 8.17 28.69 -6.45
N LYS A 19 8.06 29.89 -7.00
CA LYS A 19 6.87 30.69 -6.81
C LYS A 19 5.69 30.12 -7.58
N SER A 20 5.93 29.75 -8.83
CA SER A 20 4.85 29.40 -9.74
C SER A 20 4.63 27.90 -9.77
N THR A 21 3.72 27.50 -10.64
CA THR A 21 3.26 26.13 -10.65
C THR A 21 3.05 25.57 -12.05
N HIS A 22 3.57 26.19 -13.08
CA HIS A 22 3.25 25.75 -14.42
C HIS A 22 4.13 24.57 -14.79
N LEU A 23 3.90 24.01 -15.96
CA LEU A 23 4.64 22.85 -16.40
C LEU A 23 5.94 23.28 -17.08
N LEU A 24 6.95 22.42 -16.96
CA LEU A 24 8.30 22.78 -17.32
C LEU A 24 8.82 22.10 -18.55
N ILE A 25 8.31 20.96 -18.93
CA ILE A 25 8.75 20.31 -20.16
C ILE A 25 7.73 20.62 -21.23
N ARG A 26 8.22 20.93 -22.43
CA ARG A 26 7.38 21.31 -23.54
C ARG A 26 6.47 20.16 -23.96
N LYS A 27 5.20 20.47 -24.24
CA LYS A 27 4.17 19.43 -24.31
C LYS A 27 4.38 18.52 -25.50
N LEU A 28 4.76 19.06 -26.64
CA LEU A 28 4.92 18.22 -27.82
C LEU A 28 6.15 17.30 -27.80
N PRO A 29 7.32 17.69 -27.30
CA PRO A 29 8.39 16.67 -27.22
C PRO A 29 8.09 15.61 -26.19
N PHE A 30 7.37 15.96 -25.14
CA PHE A 30 6.97 14.95 -24.18
C PHE A 30 5.89 14.06 -24.75
N SER A 31 5.03 14.61 -25.58
CA SER A 31 4.02 13.79 -26.23
C SER A 31 4.61 12.86 -27.26
N ARG A 32 5.80 13.15 -27.76
CA ARG A 32 6.44 12.17 -28.63
C ARG A 32 7.17 11.11 -27.84
N LEU A 33 7.57 11.40 -26.61
CA LEU A 33 8.23 10.38 -25.81
C LEU A 33 7.23 9.38 -25.28
N ALA A 34 6.09 9.87 -24.79
CA ALA A 34 5.10 8.97 -24.24
C ALA A 34 4.51 8.08 -25.32
N ARG A 35 4.40 8.56 -26.55
CA ARG A 35 3.85 7.71 -27.61
C ARG A 35 4.88 6.78 -28.20
N GLU A 36 6.14 6.87 -27.77
CA GLU A 36 7.12 5.91 -28.26
C GLU A 36 7.34 4.78 -27.29
N ILE A 37 7.26 5.05 -25.99
CA ILE A 37 7.32 3.97 -25.04
C ILE A 37 6.03 3.17 -25.06
N CYS A 38 4.92 3.83 -25.39
CA CYS A 38 3.65 3.13 -25.47
C CYS A 38 3.59 2.24 -26.70
N VAL A 39 4.49 2.40 -27.67
CA VAL A 39 4.43 1.49 -28.79
C VAL A 39 5.28 0.26 -28.53
N LYS A 40 6.09 0.29 -27.48
CA LYS A 40 6.89 -0.90 -27.17
C LYS A 40 6.10 -1.90 -26.33
N PHE A 41 5.31 -1.41 -25.37
CA PHE A 41 4.56 -2.27 -24.46
C PHE A 41 3.26 -2.78 -25.05
N THR A 42 3.07 -2.66 -26.35
CA THR A 42 1.78 -3.01 -26.92
C THR A 42 1.85 -4.04 -28.01
N ARG A 43 3.03 -4.53 -28.40
CA ARG A 43 3.24 -5.36 -29.57
C ARG A 43 2.72 -4.69 -30.83
N GLY A 44 2.99 -3.41 -31.00
CA GLY A 44 2.85 -2.74 -32.28
C GLY A 44 1.57 -1.98 -32.49
N VAL A 45 0.51 -2.27 -31.74
CA VAL A 45 -0.74 -1.55 -31.92
C VAL A 45 -0.61 -0.17 -31.34
N ASP A 46 -0.47 0.84 -32.20
CA ASP A 46 -0.26 2.18 -31.71
C ASP A 46 -1.55 2.77 -31.13
N PHE A 47 -1.50 3.11 -29.85
CA PHE A 47 -2.66 3.55 -29.12
C PHE A 47 -2.90 5.03 -29.26
N ASN A 48 -4.16 5.39 -29.33
CA ASN A 48 -4.54 6.77 -29.16
C ASN A 48 -4.52 7.12 -27.68
N TRP A 49 -3.84 8.20 -27.33
CA TRP A 49 -3.87 8.72 -25.99
C TRP A 49 -4.88 9.84 -25.94
N GLN A 50 -5.69 9.88 -24.89
CA GLN A 50 -6.53 11.03 -24.66
C GLN A 50 -5.69 12.26 -24.38
N ALA A 51 -6.26 13.42 -24.66
CA ALA A 51 -5.54 14.67 -24.42
C ALA A 51 -5.44 14.95 -22.94
N GLN A 52 -6.22 14.28 -22.13
CA GLN A 52 -6.16 14.50 -20.71
C GLN A 52 -5.18 13.55 -20.06
N ALA A 53 -4.79 12.48 -20.76
CA ALA A 53 -3.83 11.56 -20.17
C ALA A 53 -2.41 12.09 -20.31
N LEU A 54 -2.10 12.77 -21.41
CA LEU A 54 -0.75 13.31 -21.53
C LEU A 54 -0.58 14.59 -20.73
N LEU A 55 -1.59 15.01 -19.97
CA LEU A 55 -1.32 15.87 -18.83
C LEU A 55 -1.19 15.04 -17.58
N ALA A 56 -1.71 13.83 -17.58
CA ALA A 56 -1.76 13.09 -16.34
C ALA A 56 -0.45 12.37 -16.08
N LEU A 57 0.39 12.23 -17.09
CA LEU A 57 1.76 11.78 -16.82
C LEU A 57 2.63 12.94 -16.42
N GLN A 58 2.60 14.02 -17.19
CA GLN A 58 3.55 15.10 -17.04
C GLN A 58 3.38 15.83 -15.73
N GLU A 59 2.21 15.73 -15.11
CA GLU A 59 2.06 16.26 -13.77
C GLU A 59 2.66 15.33 -12.75
N ALA A 60 2.94 14.09 -13.11
CA ALA A 60 3.64 13.22 -12.19
C ALA A 60 5.13 13.19 -12.50
N ALA A 61 5.49 13.09 -13.79
CA ALA A 61 6.90 12.97 -14.15
C ALA A 61 7.69 14.23 -13.86
N GLU A 62 7.02 15.36 -13.76
CA GLU A 62 7.72 16.47 -13.14
C GLU A 62 7.77 16.30 -11.64
N ALA A 63 6.63 16.04 -11.02
CA ALA A 63 6.57 16.06 -9.57
C ALA A 63 7.19 14.82 -8.95
N PHE A 64 7.75 13.94 -9.76
CA PHE A 64 8.68 12.96 -9.25
C PHE A 64 10.12 13.40 -9.46
N LEU A 65 10.45 14.01 -10.60
CA LEU A 65 11.82 14.42 -10.81
C LEU A 65 12.17 15.62 -9.97
N VAL A 66 11.21 16.52 -9.76
CA VAL A 66 11.46 17.66 -8.89
C VAL A 66 11.73 17.20 -7.48
N HIS A 67 11.02 16.17 -7.04
CA HIS A 67 11.28 15.66 -5.71
C HIS A 67 12.59 14.90 -5.64
N LEU A 68 13.00 14.26 -6.72
CA LEU A 68 14.28 13.54 -6.74
C LEU A 68 15.45 14.50 -6.65
N PHE A 69 15.37 15.64 -7.33
CA PHE A 69 16.44 16.61 -7.24
C PHE A 69 16.46 17.33 -5.92
N GLU A 70 15.36 17.36 -5.16
CA GLU A 70 15.52 17.86 -3.80
C GLU A 70 16.15 16.80 -2.95
N ASP A 71 15.85 15.56 -3.25
CA ASP A 71 16.13 14.52 -2.30
C ASP A 71 17.51 13.96 -2.56
N ALA A 72 18.06 14.29 -3.74
CA ALA A 72 19.47 14.05 -4.04
C ALA A 72 20.34 15.19 -3.58
N TYR A 73 19.82 16.41 -3.56
CA TYR A 73 20.67 17.55 -3.26
C TYR A 73 20.96 17.63 -1.78
N LEU A 74 20.31 16.82 -0.97
CA LEU A 74 20.73 16.73 0.41
C LEU A 74 21.97 15.88 0.54
N LEU A 75 22.41 15.23 -0.54
CA LEU A 75 23.64 14.49 -0.47
C LEU A 75 24.81 15.31 -0.96
N THR A 76 24.58 16.24 -1.87
CA THR A 76 25.70 17.02 -2.33
C THR A 76 25.96 18.17 -1.38
N LEU A 77 24.99 18.50 -0.53
CA LEU A 77 25.32 19.35 0.59
C LEU A 77 25.90 18.54 1.73
N HIS A 78 25.82 17.22 1.62
CA HIS A 78 26.41 16.36 2.63
C HIS A 78 27.87 16.10 2.32
N ALA A 79 28.22 16.03 1.06
CA ALA A 79 29.56 15.68 0.68
C ALA A 79 30.52 16.85 0.73
N GLY A 80 30.19 17.93 1.42
CA GLY A 80 30.99 19.13 1.37
C GLY A 80 30.83 19.95 0.12
N ARG A 81 30.22 19.42 -0.93
CA ARG A 81 30.16 20.13 -2.20
C ARG A 81 29.03 21.15 -2.21
N VAL A 82 28.88 21.78 -3.37
CA VAL A 82 27.66 22.44 -3.76
C VAL A 82 27.12 21.89 -5.09
N THR A 83 28.00 21.58 -6.02
CA THR A 83 27.64 21.09 -7.33
C THR A 83 27.10 19.66 -7.28
N LEU A 84 26.04 19.40 -8.05
CA LEU A 84 25.35 18.11 -8.03
C LEU A 84 25.90 17.19 -9.12
N PHE A 85 26.44 16.07 -8.73
CA PHE A 85 27.02 15.10 -9.64
C PHE A 85 26.04 13.97 -9.93
N PRO A 86 26.29 13.09 -10.91
CA PRO A 86 25.43 11.92 -11.05
C PRO A 86 25.61 10.91 -9.98
N LYS A 87 26.67 11.02 -9.19
CA LYS A 87 26.91 10.10 -8.09
C LYS A 87 25.87 10.24 -6.97
N ASP A 88 24.95 11.18 -7.11
CA ASP A 88 24.01 11.49 -6.04
C ASP A 88 22.59 11.17 -6.46
N VAL A 89 22.24 11.44 -7.71
CA VAL A 89 21.00 10.91 -8.25
C VAL A 89 21.08 9.40 -8.32
N GLN A 90 22.26 8.85 -8.54
CA GLN A 90 22.43 7.40 -8.45
C GLN A 90 22.32 6.91 -7.03
N LEU A 91 22.42 7.79 -6.04
CA LEU A 91 22.36 7.29 -4.68
C LEU A 91 21.00 7.56 -4.06
N ALA A 92 20.31 8.61 -4.50
CA ALA A 92 18.97 8.83 -3.97
C ALA A 92 18.02 7.76 -4.46
N ARG A 93 18.32 7.14 -5.60
CA ARG A 93 17.49 6.01 -6.01
C ARG A 93 17.91 4.73 -5.32
N ARG A 94 18.86 4.78 -4.42
CA ARG A 94 19.28 3.54 -3.79
C ARG A 94 19.02 3.58 -2.31
N ILE A 95 18.47 4.67 -1.81
CA ILE A 95 18.24 4.76 -0.39
C ILE A 95 16.76 4.68 -0.08
N ARG A 96 15.90 5.23 -0.93
CA ARG A 96 14.51 4.81 -0.77
C ARG A 96 14.39 3.38 -1.25
N GLY A 97 14.70 3.12 -2.51
CA GLY A 97 14.95 1.76 -2.92
C GLY A 97 13.69 1.06 -3.30
N LEU A 98 13.60 0.65 -4.56
CA LEU A 98 12.51 -0.12 -5.17
C LEU A 98 11.17 0.63 -5.18
N GLU A 99 11.11 1.85 -4.66
CA GLU A 99 9.93 2.68 -4.57
C GLU A 99 10.26 4.11 -4.98
N GLU A 100 11.55 4.43 -5.05
CA GLU A 100 12.07 5.47 -5.93
C GLU A 100 12.77 4.84 -7.13
N GLY A 101 11.96 4.32 -8.05
CA GLY A 101 12.43 3.85 -9.34
C GLY A 101 13.02 2.47 -9.22
N LEU A 102 12.58 1.54 -10.04
CA LEU A 102 13.17 0.22 -10.03
C LEU A 102 14.50 0.38 -10.73
N LYS B 5 14.29 -1.57 -26.73
CA LYS B 5 13.79 -0.58 -27.68
C LYS B 5 14.20 -0.95 -29.11
N GLY B 6 13.38 -1.79 -29.75
CA GLY B 6 13.71 -2.40 -31.03
C GLY B 6 13.30 -1.53 -32.20
N GLY B 7 14.25 -1.29 -33.09
CA GLY B 7 14.00 -0.59 -34.35
C GLY B 7 14.82 -1.27 -35.43
N ALA B 8 14.27 -1.31 -36.65
CA ALA B 8 14.86 -2.13 -37.69
C ALA B 8 15.39 -1.29 -38.86
N LYS B 9 15.68 -0.01 -38.61
CA LYS B 9 16.24 0.85 -39.66
C LYS B 9 17.75 0.65 -39.73
N ARG B 10 18.29 0.65 -40.94
CA ARG B 10 19.73 0.43 -41.14
C ARG B 10 20.24 1.56 -42.04
N HIS B 11 20.62 2.67 -41.42
CA HIS B 11 21.20 3.78 -42.14
C HIS B 11 22.36 4.45 -41.42
N ARG B 12 22.68 4.04 -40.19
CA ARG B 12 23.79 4.51 -39.36
C ARG B 12 23.76 6.00 -39.03
N LYS B 13 22.60 6.66 -39.17
CA LYS B 13 22.44 8.07 -38.80
C LYS B 13 20.97 8.34 -38.54
N VAL B 14 20.68 9.08 -37.48
CA VAL B 14 19.30 9.25 -37.02
C VAL B 14 19.06 10.69 -36.60
N LEU B 15 17.95 10.90 -35.91
CA LEU B 15 17.48 12.20 -35.42
C LEU B 15 18.31 12.63 -34.21
N ARG B 16 17.74 13.53 -33.40
CA ARG B 16 18.33 13.88 -32.11
C ARG B 16 18.60 12.61 -31.29
N ASP B 17 17.58 11.99 -30.70
CA ASP B 17 17.14 10.68 -31.15
C ASP B 17 15.63 10.70 -31.21
N ASN B 18 15.00 10.65 -30.04
CA ASN B 18 13.62 11.04 -29.85
C ASN B 18 13.47 11.59 -28.43
N ILE B 19 14.35 11.14 -27.55
CA ILE B 19 14.32 11.58 -26.17
C ILE B 19 15.01 12.92 -26.02
N GLN B 20 15.83 13.30 -26.99
CA GLN B 20 16.58 14.55 -26.93
C GLN B 20 15.68 15.69 -27.39
N GLY B 21 14.54 15.79 -26.71
CA GLY B 21 13.57 16.84 -26.90
C GLY B 21 13.29 17.35 -25.53
N ILE B 22 13.61 16.52 -24.53
CA ILE B 22 13.80 17.02 -23.18
C ILE B 22 15.19 17.63 -23.18
N THR B 23 15.26 18.94 -23.37
CA THR B 23 16.44 19.65 -23.81
C THR B 23 17.46 19.80 -22.70
N LYS B 24 18.52 20.56 -22.98
CA LYS B 24 19.36 21.02 -21.88
C LYS B 24 18.66 22.00 -20.95
N PRO B 25 18.08 23.13 -21.38
CA PRO B 25 17.54 24.05 -20.38
C PRO B 25 16.21 23.65 -19.82
N ALA B 26 15.67 22.47 -20.16
CA ALA B 26 14.45 22.05 -19.51
C ALA B 26 14.77 21.24 -18.26
N ILE B 27 15.79 20.40 -18.32
CA ILE B 27 16.24 19.63 -17.17
C ILE B 27 16.79 20.56 -16.11
N ARG B 28 17.38 21.68 -16.53
CA ARG B 28 17.81 22.69 -15.60
C ARG B 28 16.63 23.25 -14.83
N ARG B 29 15.61 23.71 -15.54
CA ARG B 29 14.45 24.31 -14.91
C ARG B 29 13.66 23.34 -14.06
N LEU B 30 13.80 22.03 -14.26
CA LEU B 30 13.32 21.10 -13.26
C LEU B 30 14.11 21.25 -11.99
N ALA B 31 15.43 21.12 -12.09
CA ALA B 31 16.27 21.06 -10.90
C ALA B 31 16.33 22.40 -10.19
N ARG B 32 16.19 23.50 -10.91
CA ARG B 32 16.21 24.80 -10.26
C ARG B 32 14.99 24.99 -9.38
N ARG B 33 13.88 24.36 -9.75
CA ARG B 33 12.74 24.33 -8.86
C ARG B 33 13.06 23.57 -7.60
N GLY B 34 13.87 22.53 -7.70
CA GLY B 34 14.14 21.73 -6.52
C GLY B 34 15.09 22.37 -5.54
N GLY B 35 15.73 23.47 -5.89
CA GLY B 35 16.69 24.02 -4.99
C GLY B 35 18.09 23.59 -5.29
N VAL B 36 18.32 22.98 -6.44
CA VAL B 36 19.65 22.75 -6.93
C VAL B 36 20.27 24.08 -7.28
N LYS B 37 21.42 24.40 -6.67
CA LYS B 37 22.08 25.64 -7.06
C LYS B 37 22.71 25.48 -8.42
N ARG B 38 23.39 24.39 -8.63
CA ARG B 38 24.33 24.32 -9.71
C ARG B 38 24.58 22.89 -10.14
N ILE B 39 24.38 22.62 -11.42
CA ILE B 39 24.27 21.28 -11.94
C ILE B 39 25.63 20.88 -12.50
N SER B 40 25.89 19.57 -12.57
CA SER B 40 26.99 19.14 -13.41
C SER B 40 26.59 19.16 -14.86
N GLY B 41 27.53 18.81 -15.71
CA GLY B 41 27.23 18.65 -17.11
C GLY B 41 26.86 17.23 -17.44
N LEU B 42 26.79 16.38 -16.44
CA LEU B 42 26.49 14.99 -16.67
C LEU B 42 25.09 14.59 -16.22
N ILE B 43 24.32 15.50 -15.65
CA ILE B 43 22.97 15.15 -15.24
C ILE B 43 22.08 15.03 -16.46
N TYR B 44 22.47 15.68 -17.54
CA TYR B 44 21.59 15.79 -18.69
C TYR B 44 21.53 14.47 -19.43
N GLU B 45 22.50 13.60 -19.20
CA GLU B 45 22.37 12.22 -19.63
C GLU B 45 21.75 11.36 -18.56
N GLU B 46 21.91 11.74 -17.30
CA GLU B 46 21.36 10.90 -16.24
C GLU B 46 19.86 11.05 -16.14
N THR B 47 19.35 12.29 -16.17
CA THR B 47 17.94 12.50 -15.91
C THR B 47 17.08 11.94 -17.04
N ARG B 48 17.56 11.98 -18.26
CA ARG B 48 16.85 11.29 -19.32
C ARG B 48 16.91 9.78 -19.14
N GLY B 49 17.91 9.28 -18.43
CA GLY B 49 17.93 7.87 -18.12
C GLY B 49 16.91 7.52 -17.07
N VAL B 50 16.62 8.46 -16.17
CA VAL B 50 15.60 8.22 -15.15
C VAL B 50 14.21 8.39 -15.73
N LEU B 51 14.01 9.42 -16.53
CA LEU B 51 12.69 9.68 -17.09
C LEU B 51 12.31 8.64 -18.12
N LYS B 52 13.28 7.92 -18.68
CA LYS B 52 12.91 6.79 -19.50
C LYS B 52 12.43 5.63 -18.64
N VAL B 53 12.97 5.50 -17.43
CA VAL B 53 12.56 4.35 -16.63
C VAL B 53 11.42 4.71 -15.70
N PHE B 54 11.04 5.98 -15.62
CA PHE B 54 9.83 6.29 -14.88
C PHE B 54 8.59 5.99 -15.70
N LEU B 55 8.63 6.27 -16.99
CA LEU B 55 7.44 6.05 -17.79
C LEU B 55 7.21 4.56 -18.00
N GLU B 56 8.27 3.79 -18.12
CA GLU B 56 8.11 2.36 -18.34
C GLU B 56 7.56 1.65 -17.13
N ASN B 57 7.57 2.27 -15.96
CA ASN B 57 6.85 1.68 -14.86
C ASN B 57 5.55 2.41 -14.58
N VAL B 58 5.07 3.20 -15.53
CA VAL B 58 3.72 3.74 -15.50
C VAL B 58 2.96 3.36 -16.74
N ILE B 59 3.62 3.42 -17.89
CA ILE B 59 2.93 3.08 -19.12
C ILE B 59 2.69 1.58 -19.21
N ARG B 60 3.55 0.77 -18.58
CA ARG B 60 3.28 -0.67 -18.57
C ARG B 60 2.08 -0.99 -17.69
N ASP B 61 1.73 -0.09 -16.77
CA ASP B 61 0.50 -0.33 -16.04
C ASP B 61 -0.66 0.39 -16.67
N ALA B 62 -0.42 1.49 -17.38
CA ALA B 62 -1.51 2.14 -18.07
C ALA B 62 -1.95 1.33 -19.28
N VAL B 63 -1.00 0.69 -19.96
CA VAL B 63 -1.38 0.05 -21.20
C VAL B 63 -1.91 -1.35 -20.94
N THR B 64 -1.94 -1.79 -19.69
CA THR B 64 -2.64 -3.03 -19.40
C THR B 64 -4.06 -2.76 -18.95
N TYR B 65 -4.26 -1.77 -18.08
CA TYR B 65 -5.59 -1.31 -17.72
C TYR B 65 -6.41 -0.94 -18.93
N THR B 66 -5.79 -0.30 -19.92
CA THR B 66 -6.46 -0.06 -21.18
C THR B 66 -6.76 -1.35 -21.91
N GLU B 67 -5.78 -2.23 -22.04
CA GLU B 67 -5.94 -3.40 -22.88
C GLU B 67 -6.89 -4.40 -22.26
N HIS B 68 -7.19 -4.26 -20.97
CA HIS B 68 -8.08 -5.20 -20.32
C HIS B 68 -9.53 -4.93 -20.70
N ALA B 69 -10.08 -3.82 -20.28
CA ALA B 69 -11.39 -3.41 -20.76
C ALA B 69 -11.18 -2.94 -22.17
N LYS B 70 -11.47 -3.81 -23.14
CA LYS B 70 -10.87 -3.79 -24.47
C LYS B 70 -11.08 -2.48 -25.21
N ARG B 71 -10.00 -1.72 -25.37
CA ARG B 71 -10.06 -0.39 -25.93
C ARG B 71 -8.84 -0.14 -26.79
N LYS B 72 -8.75 1.09 -27.28
CA LYS B 72 -7.53 1.61 -27.86
C LYS B 72 -7.20 3.00 -27.34
N THR B 73 -7.90 3.48 -26.33
CA THR B 73 -7.79 4.86 -25.92
C THR B 73 -7.34 4.91 -24.47
N VAL B 74 -6.08 5.23 -24.25
CA VAL B 74 -5.54 5.26 -22.91
C VAL B 74 -5.99 6.54 -22.24
N THR B 75 -7.04 6.48 -21.46
CA THR B 75 -7.65 7.68 -20.92
C THR B 75 -6.83 8.23 -19.77
N ALA B 76 -7.40 9.21 -19.10
CA ALA B 76 -6.78 9.70 -17.88
C ALA B 76 -7.21 8.89 -16.69
N MET B 77 -8.24 8.06 -16.83
CA MET B 77 -8.58 7.24 -15.70
C MET B 77 -7.70 6.02 -15.60
N ASP B 78 -6.94 5.68 -16.64
CA ASP B 78 -5.98 4.61 -16.44
C ASP B 78 -4.74 5.12 -15.75
N VAL B 79 -4.23 6.26 -16.21
CA VAL B 79 -2.99 6.80 -15.71
C VAL B 79 -3.16 7.30 -14.28
N VAL B 80 -4.39 7.56 -13.85
CA VAL B 80 -4.57 7.75 -12.41
C VAL B 80 -4.51 6.41 -11.69
N TYR B 81 -5.09 5.36 -12.28
CA TYR B 81 -5.02 4.04 -11.64
C TYR B 81 -3.64 3.45 -11.73
N ALA B 82 -2.90 3.78 -12.79
CA ALA B 82 -1.56 3.23 -12.90
C ALA B 82 -0.61 3.93 -11.96
N LEU B 83 -1.01 5.06 -11.41
CA LEU B 83 -0.21 5.68 -10.38
C LEU B 83 -0.75 5.37 -9.00
N LYS B 84 -2.02 4.99 -8.89
CA LYS B 84 -2.59 4.71 -7.58
C LYS B 84 -2.13 3.37 -7.06
N ARG B 85 -2.20 2.35 -7.90
CA ARG B 85 -1.68 1.05 -7.58
C ARG B 85 -0.16 1.08 -7.38
N GLN B 86 0.53 1.95 -8.11
CA GLN B 86 1.97 2.00 -8.07
C GLN B 86 2.47 2.53 -6.74
N GLY B 87 1.72 3.42 -6.11
CA GLY B 87 2.13 4.03 -4.88
C GLY B 87 2.13 5.55 -4.86
N ARG B 88 1.50 6.21 -5.82
CA ARG B 88 1.59 7.66 -5.96
C ARG B 88 0.21 8.14 -6.35
N THR B 89 -0.64 8.44 -5.37
CA THR B 89 -2.00 8.80 -5.71
C THR B 89 -2.00 10.22 -6.23
N LEU B 90 -2.71 10.44 -7.32
CA LEU B 90 -2.70 11.70 -8.04
C LEU B 90 -4.10 12.29 -8.02
N TYR B 91 -4.26 13.46 -7.40
CA TYR B 91 -5.58 14.00 -7.12
C TYR B 91 -6.04 15.02 -8.15
N GLY B 92 -5.75 14.83 -9.40
CA GLY B 92 -6.15 15.84 -10.33
C GLY B 92 -7.37 15.50 -11.13
N PHE B 93 -7.51 14.22 -11.45
CA PHE B 93 -8.40 13.85 -12.53
C PHE B 93 -9.33 12.71 -12.16
N GLY B 94 -8.98 11.91 -11.17
CA GLY B 94 -9.61 10.62 -10.95
C GLY B 94 -10.98 10.63 -10.31
N ALA C 2 -15.38 -38.56 -7.88
CA ALA C 2 -15.02 -39.35 -9.05
C ALA C 2 -13.66 -38.94 -9.59
N LYS C 3 -13.32 -37.67 -9.42
CA LYS C 3 -12.05 -37.12 -9.90
C LYS C 3 -11.83 -35.80 -9.19
N SER C 4 -10.62 -35.57 -8.71
CA SER C 4 -10.26 -34.24 -8.24
C SER C 4 -10.11 -33.32 -9.44
N ARG C 5 -10.48 -32.06 -9.27
CA ARG C 5 -10.31 -31.08 -10.33
C ARG C 5 -8.83 -30.81 -10.57
N SER C 6 -8.02 -30.93 -9.52
CA SER C 6 -6.61 -30.67 -9.63
C SER C 6 -5.92 -31.65 -10.56
N SER C 7 -6.39 -32.90 -10.56
CA SER C 7 -5.83 -33.89 -11.48
C SER C 7 -6.25 -33.59 -12.91
N ARG C 8 -7.40 -32.94 -13.07
CA ARG C 8 -7.88 -32.63 -14.40
C ARG C 8 -7.10 -31.47 -14.99
N ALA C 9 -6.49 -30.66 -14.12
CA ALA C 9 -5.71 -29.53 -14.59
C ALA C 9 -4.24 -29.86 -14.73
N GLY C 10 -3.74 -30.85 -14.01
CA GLY C 10 -2.32 -31.14 -14.02
C GLY C 10 -1.59 -30.27 -13.03
N LEU C 11 -2.23 -29.97 -11.92
CA LEU C 11 -1.69 -29.06 -10.93
C LEU C 11 -1.40 -29.85 -9.67
N GLN C 12 -1.00 -29.14 -8.64
CA GLN C 12 -0.90 -29.74 -7.33
C GLN C 12 -1.57 -28.93 -6.24
N PHE C 13 -1.71 -27.63 -6.42
CA PHE C 13 -2.44 -26.87 -5.42
C PHE C 13 -3.94 -27.13 -5.56
N PRO C 14 -4.70 -27.03 -4.48
CA PRO C 14 -6.11 -27.44 -4.55
C PRO C 14 -6.95 -26.47 -5.34
N VAL C 15 -7.74 -26.96 -6.30
CA VAL C 15 -8.55 -26.05 -7.07
C VAL C 15 -9.68 -25.52 -6.23
N GLY C 16 -10.39 -26.41 -5.55
CA GLY C 16 -11.58 -26.00 -4.84
C GLY C 16 -11.32 -25.17 -3.61
N ARG C 17 -10.21 -25.44 -2.92
CA ARG C 17 -9.90 -24.67 -1.71
C ARG C 17 -9.62 -23.22 -2.05
N VAL C 18 -9.00 -22.96 -3.20
CA VAL C 18 -8.91 -21.58 -3.67
C VAL C 18 -10.30 -21.05 -3.97
N HIS C 19 -11.12 -21.87 -4.62
CA HIS C 19 -12.44 -21.46 -5.05
C HIS C 19 -13.35 -21.19 -3.88
N ARG C 20 -13.24 -21.98 -2.81
CA ARG C 20 -14.05 -21.72 -1.63
C ARG C 20 -13.54 -20.49 -0.92
N LEU C 21 -12.24 -20.24 -0.99
CA LEU C 21 -11.73 -19.00 -0.42
C LEU C 21 -12.08 -17.81 -1.29
N LEU C 22 -12.13 -18.01 -2.59
CA LEU C 22 -12.40 -16.88 -3.47
C LEU C 22 -13.88 -16.52 -3.45
N ARG C 23 -14.74 -17.42 -2.95
CA ARG C 23 -16.13 -17.02 -2.73
C ARG C 23 -16.32 -16.44 -1.34
N LYS C 24 -15.83 -17.13 -0.32
CA LYS C 24 -16.08 -16.65 1.04
C LYS C 24 -15.23 -15.46 1.42
N GLY C 25 -14.40 -14.96 0.51
CA GLY C 25 -13.67 -13.76 0.80
C GLY C 25 -14.38 -12.48 0.43
N ASN C 26 -15.51 -12.58 -0.27
CA ASN C 26 -16.21 -11.42 -0.86
C ASN C 26 -15.28 -10.57 -1.70
N TYR C 27 -14.70 -11.16 -2.72
CA TYR C 27 -14.01 -10.33 -3.69
C TYR C 27 -14.94 -9.87 -4.79
N ALA C 28 -15.91 -10.69 -5.17
CA ALA C 28 -17.02 -10.22 -5.98
C ALA C 28 -18.21 -11.10 -5.70
N GLU C 29 -19.39 -10.64 -6.12
CA GLU C 29 -20.63 -11.36 -5.88
C GLU C 29 -20.69 -12.67 -6.65
N ARG C 30 -20.01 -12.74 -7.77
CA ARG C 30 -20.07 -13.90 -8.63
C ARG C 30 -18.65 -14.28 -8.94
N VAL C 31 -18.36 -15.57 -9.05
CA VAL C 31 -17.01 -16.05 -9.30
C VAL C 31 -17.02 -17.02 -10.45
N GLY C 32 -16.15 -16.80 -11.43
CA GLY C 32 -16.06 -17.68 -12.56
C GLY C 32 -15.55 -19.05 -12.17
N ALA C 33 -15.80 -20.02 -13.04
CA ALA C 33 -15.29 -21.36 -12.80
C ALA C 33 -13.96 -21.55 -13.49
N GLY C 34 -13.63 -20.66 -14.39
CA GLY C 34 -12.31 -20.74 -14.93
C GLY C 34 -11.26 -20.09 -14.09
N ALA C 35 -11.68 -19.32 -13.08
CA ALA C 35 -10.70 -18.56 -12.30
C ALA C 35 -9.85 -19.42 -11.40
N PRO C 36 -10.37 -20.17 -10.42
CA PRO C 36 -9.48 -20.75 -9.43
C PRO C 36 -8.66 -21.90 -9.95
N VAL C 37 -8.91 -22.40 -11.16
CA VAL C 37 -7.87 -23.16 -11.82
C VAL C 37 -6.69 -22.26 -12.08
N TYR C 38 -6.94 -21.07 -12.60
CA TYR C 38 -5.84 -20.25 -13.06
C TYR C 38 -5.13 -19.59 -11.91
N LEU C 39 -5.80 -19.44 -10.78
CA LEU C 39 -5.13 -18.88 -9.62
C LEU C 39 -4.38 -19.95 -8.85
N ALA C 40 -4.90 -21.18 -8.84
CA ALA C 40 -4.13 -22.25 -8.24
C ALA C 40 -3.04 -22.75 -9.18
N ALA C 41 -2.99 -22.27 -10.40
CA ALA C 41 -1.89 -22.64 -11.28
C ALA C 41 -0.74 -21.67 -11.15
N VAL C 42 -1.04 -20.40 -10.87
CA VAL C 42 0.03 -19.45 -10.62
C VAL C 42 0.70 -19.75 -9.30
N LEU C 43 -0.10 -19.96 -8.25
CA LEU C 43 0.43 -20.16 -6.90
C LEU C 43 1.29 -21.41 -6.80
N GLU C 44 1.07 -22.40 -7.66
CA GLU C 44 2.04 -23.48 -7.78
C GLU C 44 3.37 -22.94 -8.26
N TYR C 45 3.34 -22.15 -9.33
CA TYR C 45 4.57 -21.78 -10.02
C TYR C 45 5.46 -20.91 -9.15
N LEU C 46 4.89 -20.11 -8.27
CA LEU C 46 5.75 -19.33 -7.39
C LEU C 46 6.36 -20.20 -6.30
N THR C 47 5.58 -21.06 -5.67
CA THR C 47 6.17 -21.86 -4.60
C THR C 47 6.93 -23.04 -5.18
N ALA C 48 6.90 -23.22 -6.48
CA ALA C 48 7.88 -24.09 -7.10
C ALA C 48 9.05 -23.29 -7.61
N GLU C 49 9.05 -21.98 -7.41
CA GLU C 49 10.14 -21.20 -7.95
C GLU C 49 11.15 -20.87 -6.88
N ILE C 50 10.69 -20.42 -5.71
CA ILE C 50 11.69 -20.13 -4.71
C ILE C 50 12.20 -21.42 -4.08
N LEU C 51 11.40 -22.48 -4.10
CA LEU C 51 11.91 -23.74 -3.57
C LEU C 51 12.87 -24.42 -4.52
N GLU C 52 12.84 -24.10 -5.80
CA GLU C 52 13.96 -24.51 -6.63
C GLU C 52 15.20 -23.73 -6.25
N LEU C 53 15.04 -22.42 -6.03
CA LEU C 53 16.20 -21.60 -5.71
C LEU C 53 16.70 -21.87 -4.30
N ALA C 54 15.81 -22.22 -3.38
CA ALA C 54 16.28 -22.65 -2.07
C ALA C 54 16.85 -24.05 -2.13
N GLY C 55 16.43 -24.85 -3.12
CA GLY C 55 17.00 -26.17 -3.27
C GLY C 55 18.45 -26.14 -3.64
N ASN C 56 18.83 -25.28 -4.59
CA ASN C 56 20.23 -25.12 -4.89
C ASN C 56 21.00 -24.48 -3.74
N ALA C 57 20.37 -23.58 -3.00
CA ALA C 57 21.11 -22.87 -1.98
C ALA C 57 21.32 -23.74 -0.75
N ALA C 58 20.57 -24.84 -0.66
CA ALA C 58 20.76 -25.73 0.47
C ALA C 58 21.90 -26.71 0.23
N ARG C 59 22.09 -27.13 -1.02
CA ARG C 59 23.24 -27.98 -1.31
C ARG C 59 24.54 -27.19 -1.23
N ASP C 60 24.48 -25.89 -1.52
CA ASP C 60 25.68 -25.09 -1.49
C ASP C 60 26.12 -24.78 -0.06
N ASN C 61 25.19 -24.85 0.88
CA ASN C 61 25.56 -24.74 2.29
C ASN C 61 25.73 -26.12 2.91
N LYS C 62 25.78 -27.16 2.06
CA LYS C 62 26.16 -28.53 2.42
C LYS C 62 25.15 -29.19 3.38
N LYS C 63 23.95 -28.64 3.42
CA LYS C 63 22.87 -29.19 4.23
C LYS C 63 21.89 -29.91 3.32
N THR C 64 20.97 -30.64 3.93
CA THR C 64 19.94 -31.28 3.14
C THR C 64 18.53 -30.98 3.62
N ARG C 65 18.33 -30.01 4.48
CA ARG C 65 17.01 -29.58 4.94
C ARG C 65 16.95 -28.07 4.91
N ILE C 66 15.91 -27.52 4.29
CA ILE C 66 15.77 -26.08 4.14
C ILE C 66 15.37 -25.45 5.47
N ILE C 67 16.21 -24.56 5.97
CA ILE C 67 15.93 -23.77 7.16
C ILE C 67 15.50 -22.42 6.61
N PRO C 68 14.98 -21.46 7.40
CA PRO C 68 14.54 -20.19 6.80
C PRO C 68 15.63 -19.35 6.19
N ARG C 69 16.88 -19.50 6.64
CA ARG C 69 17.98 -18.75 6.03
C ARG C 69 18.18 -19.16 4.58
N HIS C 70 17.75 -20.34 4.20
CA HIS C 70 17.92 -20.72 2.81
C HIS C 70 16.82 -20.16 1.93
N LEU C 71 15.83 -19.47 2.49
CA LEU C 71 14.88 -18.77 1.65
C LEU C 71 15.30 -17.33 1.46
N GLN C 72 15.73 -16.70 2.54
CA GLN C 72 16.30 -15.35 2.54
C GLN C 72 17.44 -15.22 1.55
N LEU C 73 18.23 -16.28 1.36
CA LEU C 73 19.26 -16.24 0.34
C LEU C 73 18.71 -16.61 -1.03
N ALA C 74 17.55 -17.24 -1.07
CA ALA C 74 17.10 -17.69 -2.37
C ALA C 74 16.22 -16.66 -3.03
N ILE C 75 15.73 -15.71 -2.24
CA ILE C 75 15.02 -14.57 -2.79
C ILE C 75 16.01 -13.47 -3.14
N ARG C 76 16.70 -12.94 -2.12
CA ARG C 76 17.60 -11.82 -2.25
C ARG C 76 18.74 -12.03 -3.22
N ASN C 77 19.14 -13.26 -3.47
CA ASN C 77 20.03 -13.52 -4.59
C ASN C 77 19.29 -13.82 -5.86
N ASP C 78 18.09 -13.28 -6.05
CA ASP C 78 17.41 -13.35 -7.32
C ASP C 78 16.70 -12.04 -7.59
N GLU C 79 16.75 -11.58 -8.83
CA GLU C 79 16.38 -10.22 -9.17
C GLU C 79 14.89 -10.02 -9.04
N GLU C 80 14.15 -10.81 -9.78
CA GLU C 80 12.72 -10.68 -9.93
C GLU C 80 11.96 -11.08 -8.70
N LEU C 81 12.57 -11.81 -7.77
CA LEU C 81 11.87 -12.14 -6.55
C LEU C 81 12.14 -11.11 -5.48
N ASN C 82 13.25 -10.38 -5.58
CA ASN C 82 13.47 -9.27 -4.67
C ASN C 82 12.42 -8.21 -4.89
N LYS C 83 12.07 -7.95 -6.14
CA LYS C 83 11.11 -6.90 -6.39
C LYS C 83 9.71 -7.34 -5.95
N LEU C 84 9.40 -8.63 -6.13
CA LEU C 84 8.10 -9.13 -5.68
C LEU C 84 7.99 -9.11 -4.17
N LEU C 85 9.00 -9.60 -3.48
CA LEU C 85 9.03 -9.54 -2.03
C LEU C 85 9.86 -8.35 -1.58
N GLY C 86 9.44 -7.18 -2.01
CA GLY C 86 10.17 -5.96 -1.72
C GLY C 86 10.18 -5.59 -0.26
N ARG C 87 9.01 -5.32 0.30
CA ARG C 87 8.96 -4.85 1.68
C ARG C 87 8.69 -5.96 2.66
N VAL C 88 9.39 -7.07 2.56
CA VAL C 88 9.04 -8.28 3.30
C VAL C 88 10.26 -8.82 4.02
N THR C 89 10.17 -8.89 5.33
CA THR C 89 11.23 -9.45 6.15
C THR C 89 10.91 -10.90 6.46
N ILE C 90 11.95 -11.69 6.71
CA ILE C 90 11.80 -13.11 6.93
C ILE C 90 12.30 -13.39 8.33
N ALA C 91 11.45 -13.98 9.16
CA ALA C 91 11.88 -14.20 10.53
C ALA C 91 12.88 -15.34 10.58
N GLN C 92 13.91 -15.17 11.42
CA GLN C 92 15.17 -15.93 11.35
C GLN C 92 15.74 -15.87 9.95
N GLY C 93 15.89 -14.67 9.44
CA GLY C 93 16.33 -14.52 8.08
C GLY C 93 17.79 -14.22 7.91
N GLY C 94 18.35 -13.33 8.70
CA GLY C 94 19.71 -12.90 8.47
C GLY C 94 19.76 -11.95 7.29
N VAL C 95 20.97 -11.57 6.90
CA VAL C 95 21.14 -10.69 5.77
C VAL C 95 22.03 -11.35 4.73
N LEU C 96 22.26 -10.71 3.70
CA LEU C 96 23.24 -11.22 2.76
C LEU C 96 24.65 -11.05 3.30
N PRO C 97 25.59 -11.85 2.86
CA PRO C 97 26.99 -11.49 3.10
C PRO C 97 27.40 -10.35 2.19
N ASN C 98 27.49 -9.15 2.75
CA ASN C 98 27.83 -7.96 1.98
C ASN C 98 28.76 -7.10 2.81
N ILE C 99 29.97 -6.89 2.31
CA ILE C 99 30.97 -6.02 2.91
C ILE C 99 31.17 -4.88 1.92
N GLN C 100 31.55 -3.70 2.41
CA GLN C 100 31.48 -2.46 1.66
C GLN C 100 32.50 -2.36 0.53
N SER C 101 33.47 -3.28 0.45
CA SER C 101 34.59 -3.36 -0.48
C SER C 101 35.56 -2.20 -0.38
N VAL C 102 35.42 -1.32 0.63
CA VAL C 102 36.38 -0.26 0.92
C VAL C 102 36.73 -0.41 2.40
N LEU C 103 37.66 -1.32 2.67
CA LEU C 103 38.09 -1.54 4.04
C LEU C 103 39.59 -1.68 4.20
N LEU C 104 40.33 -2.06 3.18
CA LEU C 104 41.74 -2.42 3.32
C LEU C 104 42.48 -2.35 1.98
N ARG D 1 -9.40 -27.10 14.11
CA ARG D 1 -9.79 -27.48 12.76
C ARG D 1 -9.28 -26.50 11.71
N LYS D 2 -8.12 -25.90 11.99
CA LYS D 2 -7.51 -24.96 11.08
C LYS D 2 -6.81 -25.67 9.94
N GLU D 3 -6.90 -25.08 8.76
CA GLU D 3 -6.31 -25.65 7.56
C GLU D 3 -5.26 -24.70 6.99
N SER D 4 -4.53 -25.19 6.01
CA SER D 4 -3.32 -24.57 5.51
C SER D 4 -2.94 -25.17 4.17
N TYR D 5 -1.83 -24.70 3.62
CA TYR D 5 -1.32 -25.17 2.34
C TYR D 5 -0.19 -26.16 2.51
N SER D 6 0.08 -26.61 3.72
CA SER D 6 1.36 -27.22 4.02
C SER D 6 1.49 -28.61 3.45
N VAL D 7 0.38 -29.29 3.15
CA VAL D 7 0.49 -30.52 2.39
C VAL D 7 0.93 -30.21 0.97
N TYR D 8 0.46 -29.09 0.45
CA TYR D 8 0.63 -28.83 -0.97
C TYR D 8 2.00 -28.27 -1.28
N VAL D 9 2.62 -27.55 -0.35
CA VAL D 9 4.01 -27.17 -0.52
C VAL D 9 4.88 -28.40 -0.54
N TYR D 10 4.61 -29.31 0.39
CA TYR D 10 5.46 -30.46 0.58
C TYR D 10 5.23 -31.51 -0.48
N LYS D 11 4.20 -31.34 -1.31
CA LYS D 11 4.08 -32.21 -2.48
C LYS D 11 4.81 -31.64 -3.67
N VAL D 12 4.97 -30.32 -3.73
CA VAL D 12 5.67 -29.73 -4.85
C VAL D 12 7.16 -29.92 -4.66
N LEU D 13 7.63 -29.89 -3.42
CA LEU D 13 9.05 -30.00 -3.14
C LEU D 13 9.58 -31.38 -3.49
N LYS D 14 8.74 -32.41 -3.38
CA LYS D 14 9.16 -33.75 -3.79
C LYS D 14 9.21 -33.88 -5.29
N GLN D 15 8.67 -32.90 -6.02
CA GLN D 15 8.62 -32.99 -7.46
C GLN D 15 9.80 -32.28 -8.12
N VAL D 16 10.49 -31.39 -7.40
CA VAL D 16 11.65 -30.71 -7.96
C VAL D 16 12.95 -31.01 -7.22
N HIS D 17 12.89 -31.56 -6.01
CA HIS D 17 14.06 -32.06 -5.31
C HIS D 17 13.65 -33.32 -4.58
N PRO D 18 13.91 -34.50 -5.15
CA PRO D 18 13.35 -35.73 -4.60
C PRO D 18 13.90 -36.18 -3.26
N ASP D 19 14.88 -35.48 -2.69
CA ASP D 19 15.53 -35.99 -1.49
C ASP D 19 15.66 -34.97 -0.38
N THR D 20 15.09 -33.79 -0.52
CA THR D 20 15.33 -32.69 0.41
C THR D 20 14.10 -32.43 1.25
N GLY D 21 14.29 -32.26 2.55
CA GLY D 21 13.20 -31.94 3.44
C GLY D 21 13.07 -30.44 3.61
N ILE D 22 12.16 -30.06 4.50
CA ILE D 22 11.89 -28.64 4.75
C ILE D 22 11.38 -28.50 6.17
N SER D 23 12.06 -27.66 6.95
CA SER D 23 11.81 -27.63 8.37
C SER D 23 10.50 -26.94 8.68
N SER D 24 10.03 -27.13 9.91
CA SER D 24 8.66 -26.76 10.24
C SER D 24 8.54 -25.28 10.54
N LYS D 25 9.61 -24.53 10.40
CA LYS D 25 9.45 -23.08 10.44
C LYS D 25 9.57 -22.51 9.05
N ALA D 26 10.21 -23.24 8.14
CA ALA D 26 10.19 -22.83 6.75
C ALA D 26 8.89 -23.17 6.10
N MET D 27 8.21 -24.19 6.59
CA MET D 27 6.86 -24.42 6.14
C MET D 27 5.93 -23.36 6.70
N GLY D 28 6.29 -22.84 7.87
CA GLY D 28 5.56 -21.71 8.42
C GLY D 28 5.75 -20.44 7.63
N ILE D 29 6.78 -20.38 6.79
CA ILE D 29 6.92 -19.24 5.89
C ILE D 29 6.11 -19.46 4.63
N MET D 30 6.24 -20.63 4.02
CA MET D 30 5.58 -20.89 2.75
C MET D 30 4.06 -20.95 2.87
N ASN D 31 3.53 -21.09 4.08
CA ASN D 31 2.15 -20.67 4.29
C ASN D 31 2.02 -19.18 4.10
N SER D 32 2.71 -18.39 4.92
CA SER D 32 2.47 -16.96 4.92
C SER D 32 3.06 -16.27 3.70
N PHE D 33 3.71 -17.02 2.82
CA PHE D 33 3.88 -16.58 1.45
C PHE D 33 2.60 -16.79 0.67
N VAL D 34 2.15 -18.03 0.56
CA VAL D 34 1.09 -18.26 -0.42
C VAL D 34 -0.27 -17.92 0.16
N ASN D 35 -0.33 -17.50 1.42
CA ASN D 35 -1.50 -16.77 1.91
C ASN D 35 -1.39 -15.30 1.64
N ASP D 36 -0.42 -14.87 0.83
CA ASP D 36 -0.22 -13.46 0.57
C ASP D 36 -0.12 -13.14 -0.91
N ILE D 37 0.46 -14.02 -1.71
CA ILE D 37 0.32 -13.86 -3.15
C ILE D 37 -1.12 -14.08 -3.55
N PHE D 38 -1.81 -14.98 -2.86
CA PHE D 38 -3.22 -15.18 -3.12
C PHE D 38 -4.04 -13.98 -2.71
N GLU D 39 -3.60 -13.22 -1.72
CA GLU D 39 -4.43 -12.10 -1.35
C GLU D 39 -4.13 -10.89 -2.21
N ARG D 40 -2.90 -10.72 -2.68
CA ARG D 40 -2.62 -9.61 -3.57
C ARG D 40 -3.27 -9.81 -4.93
N ILE D 41 -3.31 -11.04 -5.41
CA ILE D 41 -3.91 -11.30 -6.71
C ILE D 41 -5.42 -11.16 -6.64
N ALA D 42 -6.07 -11.97 -5.83
CA ALA D 42 -7.52 -11.94 -5.83
C ALA D 42 -8.06 -10.79 -5.01
N GLY D 43 -7.20 -9.98 -4.42
CA GLY D 43 -7.67 -8.75 -3.84
C GLY D 43 -7.51 -7.59 -4.79
N GLU D 44 -7.03 -7.85 -5.99
CA GLU D 44 -6.87 -6.81 -6.99
C GLU D 44 -7.55 -7.19 -8.29
N ALA D 45 -7.82 -8.47 -8.51
CA ALA D 45 -8.81 -8.81 -9.51
C ALA D 45 -10.20 -8.47 -9.04
N SER D 46 -10.39 -8.26 -7.74
CA SER D 46 -11.64 -7.70 -7.27
C SER D 46 -11.77 -6.24 -7.62
N ARG D 47 -10.67 -5.59 -7.94
CA ARG D 47 -10.75 -4.18 -8.23
C ARG D 47 -11.00 -3.94 -9.70
N LEU D 48 -10.48 -4.81 -10.57
CA LEU D 48 -10.82 -4.68 -11.98
C LEU D 48 -12.25 -5.07 -12.25
N ALA D 49 -12.83 -5.89 -11.38
CA ALA D 49 -14.23 -6.22 -11.54
C ALA D 49 -15.12 -5.14 -10.96
N HIS D 50 -14.53 -4.04 -10.51
CA HIS D 50 -15.35 -2.92 -10.13
C HIS D 50 -15.11 -1.72 -11.01
N TYR D 51 -13.91 -1.58 -11.57
CA TYR D 51 -13.64 -0.47 -12.48
C TYR D 51 -14.39 -0.68 -13.79
N ASN D 52 -14.46 -1.90 -14.27
CA ASN D 52 -15.21 -2.20 -15.47
C ASN D 52 -16.66 -2.46 -15.17
N LYS D 53 -16.99 -2.48 -13.87
CA LYS D 53 -18.34 -2.58 -13.35
C LYS D 53 -19.01 -3.86 -13.82
N ARG D 54 -18.21 -4.90 -13.92
CA ARG D 54 -18.68 -6.26 -14.08
C ARG D 54 -19.07 -6.82 -12.73
N SER D 55 -19.33 -8.11 -12.68
CA SER D 55 -19.67 -8.71 -11.41
C SER D 55 -19.06 -10.07 -11.18
N THR D 56 -18.38 -10.67 -12.17
CA THR D 56 -17.85 -12.02 -12.04
C THR D 56 -16.34 -11.95 -12.22
N ILE D 57 -15.60 -12.41 -11.22
CA ILE D 57 -14.17 -12.65 -11.41
C ILE D 57 -14.04 -13.83 -12.36
N THR D 58 -13.69 -13.55 -13.61
CA THR D 58 -13.50 -14.64 -14.55
C THR D 58 -12.05 -15.08 -14.48
N SER D 59 -11.66 -15.92 -15.43
CA SER D 59 -10.26 -16.28 -15.53
C SER D 59 -9.49 -15.22 -16.27
N ARG D 60 -10.19 -14.30 -16.91
CA ARG D 60 -9.52 -13.26 -17.66
C ARG D 60 -9.00 -12.19 -16.73
N GLU D 61 -9.64 -12.04 -15.59
CA GLU D 61 -9.25 -10.96 -14.70
C GLU D 61 -8.22 -11.41 -13.68
N ILE D 62 -7.95 -12.70 -13.60
CA ILE D 62 -6.74 -13.13 -12.89
C ILE D 62 -5.54 -12.94 -13.79
N GLN D 63 -5.77 -12.85 -15.10
CA GLN D 63 -4.64 -12.66 -16.00
C GLN D 63 -4.09 -11.27 -15.87
N THR D 64 -4.95 -10.26 -15.89
CA THR D 64 -4.38 -8.93 -15.74
C THR D 64 -4.37 -8.50 -14.30
N ALA D 65 -4.38 -9.43 -13.36
CA ALA D 65 -3.86 -9.11 -12.04
C ALA D 65 -2.47 -9.67 -11.87
N VAL D 66 -2.14 -10.71 -12.63
CA VAL D 66 -0.79 -11.20 -12.63
C VAL D 66 0.11 -10.29 -13.44
N ARG D 67 -0.34 -9.79 -14.59
CA ARG D 67 0.51 -8.94 -15.41
C ARG D 67 0.78 -7.59 -14.80
N LEU D 68 0.07 -7.21 -13.75
CA LEU D 68 0.41 -6.03 -12.99
C LEU D 68 1.31 -6.33 -11.82
N LEU D 69 1.05 -7.41 -11.09
CA LEU D 69 1.71 -7.65 -9.83
C LEU D 69 3.12 -8.22 -9.98
N LEU D 70 3.27 -9.29 -10.71
CA LEU D 70 4.55 -9.96 -10.79
C LEU D 70 5.43 -9.24 -11.79
N PRO D 71 6.58 -8.78 -11.42
CA PRO D 71 7.36 -7.96 -12.34
C PRO D 71 8.30 -8.79 -13.18
N GLY D 72 8.88 -8.16 -14.18
CA GLY D 72 10.03 -8.74 -14.84
C GLY D 72 9.66 -9.87 -15.77
N GLU D 73 10.45 -10.93 -15.71
CA GLU D 73 10.23 -12.11 -16.53
C GLU D 73 9.33 -13.10 -15.80
N LEU D 74 9.06 -12.87 -14.53
CA LEU D 74 8.25 -13.77 -13.74
C LEU D 74 6.77 -13.65 -14.10
N ALA D 75 6.39 -12.60 -14.83
CA ALA D 75 5.04 -12.46 -15.32
C ALA D 75 4.81 -13.24 -16.60
N LYS D 76 5.76 -13.21 -17.53
CA LYS D 76 5.54 -13.83 -18.83
C LYS D 76 5.58 -15.35 -18.74
N HIS D 77 6.00 -15.90 -17.59
CA HIS D 77 5.91 -17.34 -17.43
C HIS D 77 4.73 -17.73 -16.56
N ALA D 78 4.33 -16.89 -15.61
CA ALA D 78 3.14 -17.20 -14.83
C ALA D 78 1.90 -17.15 -15.70
N VAL D 79 1.87 -16.21 -16.64
CA VAL D 79 0.77 -16.19 -17.59
C VAL D 79 0.96 -17.28 -18.64
N SER D 80 2.19 -17.75 -18.82
CA SER D 80 2.41 -18.87 -19.72
C SER D 80 1.90 -20.16 -19.12
N GLU D 81 2.47 -20.56 -18.00
CA GLU D 81 2.11 -21.82 -17.38
C GLU D 81 0.78 -21.73 -16.64
N GLY D 82 0.20 -20.54 -16.54
CA GLY D 82 -1.18 -20.47 -16.13
C GLY D 82 -2.16 -20.97 -17.16
N THR D 83 -2.15 -20.41 -18.36
CA THR D 83 -3.13 -20.78 -19.37
C THR D 83 -2.93 -22.17 -19.91
N LYS D 84 -1.74 -22.74 -19.78
CA LYS D 84 -1.55 -24.15 -20.10
C LYS D 84 -2.37 -25.04 -19.17
N ALA D 85 -2.61 -24.60 -17.95
CA ALA D 85 -3.48 -25.33 -17.04
C ALA D 85 -4.95 -25.00 -17.23
N VAL D 86 -5.31 -24.08 -18.13
CA VAL D 86 -6.72 -23.87 -18.44
C VAL D 86 -7.12 -24.54 -19.74
N THR D 87 -6.25 -24.57 -20.75
CA THR D 87 -6.50 -25.36 -21.95
C THR D 87 -6.39 -26.85 -21.72
N LYS D 88 -6.04 -27.30 -20.53
CA LYS D 88 -6.19 -28.67 -20.09
C LYS D 88 -7.50 -28.89 -19.36
N TYR D 89 -7.94 -27.90 -18.57
CA TYR D 89 -9.12 -28.06 -17.74
C TYR D 89 -10.39 -28.04 -18.56
N THR D 90 -10.40 -27.24 -19.63
CA THR D 90 -11.57 -27.22 -20.48
C THR D 90 -11.63 -28.47 -21.36
N SER D 91 -10.60 -28.68 -22.17
CA SER D 91 -10.55 -29.87 -23.01
C SER D 91 -10.21 -31.07 -22.15
N SER D 92 -11.23 -31.73 -21.62
CA SER D 92 -11.04 -32.90 -20.78
C SER D 92 -12.19 -33.88 -20.94
N GLN E 2 52.48 -7.77 22.32
CA GLN E 2 52.64 -6.34 22.46
C GLN E 2 51.38 -5.61 22.03
N HIS E 3 51.42 -4.28 22.06
CA HIS E 3 50.29 -3.45 21.65
C HIS E 3 50.40 -3.09 20.17
N SER E 4 50.64 -4.12 19.37
CA SER E 4 50.66 -3.99 17.92
C SER E 4 50.04 -5.20 17.22
N ARG E 5 49.50 -6.14 17.98
CA ARG E 5 49.00 -7.42 17.46
C ARG E 5 47.59 -7.68 17.97
N ARG E 6 46.70 -6.72 17.80
CA ARG E 6 45.35 -6.88 18.33
C ARG E 6 44.40 -7.59 17.37
N ARG E 7 44.87 -8.69 16.78
CA ARG E 7 44.07 -9.77 16.16
C ARG E 7 43.23 -9.39 14.94
N GLN E 8 43.21 -8.10 14.56
CA GLN E 8 42.28 -7.52 13.57
C GLN E 8 40.83 -7.89 13.90
N GLY E 9 40.36 -7.37 15.03
CA GLY E 9 39.11 -7.83 15.58
C GLY E 9 37.86 -7.07 15.21
N TRP E 10 37.75 -6.60 13.96
CA TRP E 10 36.41 -6.27 13.49
C TRP E 10 36.08 -7.03 12.21
N LEU E 11 37.05 -7.32 11.38
CA LEU E 11 36.70 -7.99 10.12
C LEU E 11 36.45 -9.46 10.34
N LYS E 12 36.89 -10.01 11.46
CA LYS E 12 36.36 -11.31 11.82
C LYS E 12 34.92 -11.17 12.30
N GLU E 13 34.56 -10.02 12.85
CA GLU E 13 33.22 -9.88 13.43
C GLU E 13 32.17 -9.69 12.35
N ILE E 14 32.42 -8.78 11.42
CA ILE E 14 31.50 -8.54 10.32
C ILE E 14 31.39 -9.77 9.44
N ARG E 15 32.46 -10.56 9.36
CA ARG E 15 32.32 -11.83 8.67
C ARG E 15 31.61 -12.86 9.56
N LYS E 16 31.64 -12.67 10.87
CA LYS E 16 30.94 -13.62 11.73
C LYS E 16 29.44 -13.38 11.71
N LEU E 17 29.01 -12.15 11.98
CA LEU E 17 27.59 -11.90 12.20
C LEU E 17 26.76 -12.01 10.94
N GLN E 18 27.32 -11.73 9.78
CA GLN E 18 26.55 -11.92 8.57
C GLN E 18 26.39 -13.38 8.22
N LYS E 19 27.13 -14.26 8.87
CA LYS E 19 26.97 -15.70 8.63
C LYS E 19 25.89 -16.28 9.55
N SER E 20 25.57 -15.60 10.64
CA SER E 20 24.60 -16.10 11.61
C SER E 20 23.35 -15.25 11.61
N THR E 21 22.32 -15.74 12.31
CA THR E 21 20.95 -15.27 12.19
C THR E 21 20.26 -15.15 13.55
N HIS E 22 20.92 -14.56 14.53
CA HIS E 22 20.37 -14.57 15.89
C HIS E 22 19.28 -13.53 16.04
N LEU E 23 18.95 -13.27 17.29
CA LEU E 23 18.40 -12.00 17.69
C LEU E 23 19.48 -11.33 18.52
N LEU E 24 19.84 -10.11 18.16
CA LEU E 24 21.03 -9.50 18.71
C LEU E 24 20.79 -8.76 20.01
N ILE E 25 19.54 -8.52 20.39
CA ILE E 25 19.23 -7.84 21.63
C ILE E 25 18.65 -8.86 22.59
N ARG E 26 19.05 -8.78 23.85
CA ARG E 26 18.59 -9.71 24.84
C ARG E 26 17.11 -9.48 25.12
N LYS E 27 16.43 -10.51 25.66
CA LYS E 27 14.98 -10.45 25.77
C LYS E 27 14.51 -9.53 26.88
N LEU E 28 14.79 -9.89 28.14
CA LEU E 28 14.31 -9.09 29.26
C LEU E 28 14.77 -7.64 29.29
N PRO E 29 15.85 -7.20 28.65
CA PRO E 29 15.95 -5.76 28.42
C PRO E 29 14.90 -5.27 27.48
N PHE E 30 14.79 -5.90 26.31
CA PHE E 30 13.88 -5.43 25.28
C PHE E 30 12.43 -5.66 25.65
N SER E 31 12.14 -6.74 26.34
CA SER E 31 10.75 -7.02 26.65
C SER E 31 10.23 -6.13 27.76
N ARG E 32 11.12 -5.48 28.49
CA ARG E 32 10.65 -4.45 29.40
C ARG E 32 10.55 -3.12 28.72
N LEU E 33 11.09 -2.99 27.50
CA LEU E 33 10.89 -1.78 26.75
C LEU E 33 9.52 -1.75 26.10
N ALA E 34 9.14 -2.86 25.47
CA ALA E 34 7.84 -2.91 24.82
C ALA E 34 6.70 -2.84 25.82
N ARG E 35 6.88 -3.43 26.99
CA ARG E 35 5.82 -3.37 27.99
C ARG E 35 5.74 -2.00 28.63
N GLU E 36 6.73 -1.13 28.43
CA GLU E 36 6.57 0.23 28.92
C GLU E 36 5.80 1.07 27.92
N ILE E 37 6.07 0.87 26.63
CA ILE E 37 5.44 1.69 25.61
C ILE E 37 3.95 1.37 25.52
N CYS E 38 3.56 0.14 25.82
CA CYS E 38 2.15 -0.21 25.79
C CYS E 38 1.37 0.45 26.92
N VAL E 39 2.05 0.89 27.98
CA VAL E 39 1.35 1.55 29.06
C VAL E 39 0.98 2.97 28.66
N LYS E 40 1.78 3.60 27.80
CA LYS E 40 1.52 4.99 27.37
C LYS E 40 0.27 5.13 26.51
N PHE E 41 -0.41 4.05 26.15
CA PHE E 41 -1.61 4.09 25.32
C PHE E 41 -2.76 3.50 26.12
N THR E 42 -3.69 4.37 26.55
CA THR E 42 -4.84 4.01 27.40
C THR E 42 -4.35 3.34 28.68
N ARG E 43 -3.87 4.20 29.59
CA ARG E 43 -3.05 3.79 30.72
C ARG E 43 -3.77 2.78 31.61
N GLY E 44 -3.01 2.18 32.50
CA GLY E 44 -3.61 1.30 33.46
C GLY E 44 -3.62 -0.12 32.97
N VAL E 45 -4.29 -0.39 31.85
CA VAL E 45 -4.43 -1.77 31.42
C VAL E 45 -3.11 -2.31 30.91
N ASP E 46 -2.41 -2.99 31.80
CA ASP E 46 -1.21 -3.71 31.41
C ASP E 46 -1.64 -4.90 30.58
N PHE E 47 -1.61 -4.73 29.27
CA PHE E 47 -1.99 -5.80 28.38
C PHE E 47 -1.01 -6.95 28.51
N ASN E 48 -1.54 -8.13 28.68
CA ASN E 48 -0.72 -9.30 28.57
C ASN E 48 -0.27 -9.47 27.13
N TRP E 49 0.93 -9.99 26.96
CA TRP E 49 1.50 -10.19 25.64
C TRP E 49 1.62 -11.68 25.41
N GLN E 50 1.25 -12.14 24.22
CA GLN E 50 1.60 -13.51 23.91
C GLN E 50 3.09 -13.62 23.73
N ALA E 51 3.66 -14.73 24.17
CA ALA E 51 5.11 -14.87 24.20
C ALA E 51 5.67 -15.02 22.81
N GLN E 52 4.86 -15.41 21.83
CA GLN E 52 5.35 -15.47 20.48
C GLN E 52 5.22 -14.12 19.79
N ALA E 53 4.53 -13.17 20.41
CA ALA E 53 4.46 -11.83 19.82
C ALA E 53 5.74 -11.06 20.05
N LEU E 54 6.38 -11.24 21.19
CA LEU E 54 7.61 -10.51 21.42
C LEU E 54 8.77 -11.10 20.64
N LEU E 55 8.62 -12.31 20.14
CA LEU E 55 9.53 -12.76 19.09
C LEU E 55 9.12 -12.22 17.74
N ALA E 56 7.90 -11.71 17.64
CA ALA E 56 7.43 -11.25 16.35
C ALA E 56 7.59 -9.75 16.22
N LEU E 57 8.05 -9.11 17.28
CA LEU E 57 8.29 -7.68 17.23
C LEU E 57 9.77 -7.40 17.40
N GLN E 58 10.57 -8.44 17.57
CA GLN E 58 12.00 -8.27 17.66
C GLN E 58 12.68 -8.85 16.44
N GLU E 59 11.95 -9.66 15.68
CA GLU E 59 12.39 -10.01 14.34
C GLU E 59 12.02 -8.93 13.36
N ALA E 60 11.35 -7.89 13.82
CA ALA E 60 10.92 -6.84 12.90
C ALA E 60 11.42 -5.49 13.34
N ALA E 61 11.95 -5.39 14.54
CA ALA E 61 12.75 -4.22 14.88
C ALA E 61 14.17 -4.40 14.40
N GLU E 62 14.77 -5.52 14.73
CA GLU E 62 16.16 -5.72 14.41
C GLU E 62 16.40 -5.99 12.95
N ALA E 63 15.38 -6.35 12.19
CA ALA E 63 15.56 -6.43 10.77
C ALA E 63 15.19 -5.12 10.09
N PHE E 64 14.85 -4.11 10.87
CA PHE E 64 14.79 -2.75 10.36
C PHE E 64 16.03 -1.96 10.73
N LEU E 65 16.52 -2.09 11.96
CA LEU E 65 17.71 -1.35 12.35
C LEU E 65 18.94 -1.87 11.65
N VAL E 66 18.97 -3.13 11.27
CA VAL E 66 20.06 -3.58 10.42
C VAL E 66 20.00 -2.89 9.09
N HIS E 67 18.81 -2.76 8.53
CA HIS E 67 18.70 -2.15 7.21
C HIS E 67 18.56 -0.64 7.31
N LEU E 68 18.78 -0.08 8.50
CA LEU E 68 19.04 1.35 8.58
C LEU E 68 20.52 1.60 8.66
N PHE E 69 21.24 0.80 9.44
CA PHE E 69 22.69 0.93 9.48
C PHE E 69 23.31 0.47 8.19
N GLU E 70 22.69 -0.47 7.49
CA GLU E 70 23.29 -0.90 6.24
C GLU E 70 23.06 0.14 5.17
N ASP E 71 22.16 1.08 5.44
CA ASP E 71 21.68 2.01 4.44
C ASP E 71 22.10 3.43 4.75
N ALA E 72 22.26 3.75 6.04
CA ALA E 72 22.81 5.03 6.42
C ALA E 72 24.32 5.07 6.32
N TYR E 73 24.96 3.92 6.33
CA TYR E 73 26.41 3.87 6.24
C TYR E 73 26.89 4.26 4.87
N LEU E 74 26.03 4.13 3.86
CA LEU E 74 26.41 4.51 2.51
C LEU E 74 26.59 6.00 2.38
N LEU E 75 26.09 6.78 3.32
CA LEU E 75 26.36 8.18 3.27
C LEU E 75 27.68 8.50 3.97
N THR E 76 28.13 7.65 4.87
CA THR E 76 29.42 7.87 5.50
C THR E 76 30.54 7.50 4.56
N LEU E 77 30.34 6.47 3.75
CA LEU E 77 31.28 6.21 2.69
C LEU E 77 31.20 7.28 1.62
N HIS E 78 30.06 7.96 1.53
CA HIS E 78 29.94 8.98 0.52
C HIS E 78 30.76 10.21 0.88
N ALA E 79 30.70 10.65 2.12
CA ALA E 79 31.34 11.88 2.52
C ALA E 79 32.83 11.73 2.75
N GLY E 80 33.44 10.62 2.32
CA GLY E 80 34.84 10.42 2.54
C GLY E 80 35.20 9.78 3.85
N ARG E 81 34.28 9.72 4.80
CA ARG E 81 34.57 9.12 6.07
C ARG E 81 34.62 7.60 5.96
N VAL E 82 34.84 6.95 7.09
CA VAL E 82 34.63 5.52 7.22
C VAL E 82 33.71 5.32 8.41
N THR E 83 33.81 6.22 9.37
CA THR E 83 33.03 6.18 10.59
C THR E 83 31.59 6.60 10.32
N LEU E 84 30.62 6.05 11.05
CA LEU E 84 29.28 6.64 11.09
C LEU E 84 29.25 7.91 11.96
N PHE E 85 28.13 8.61 11.88
CA PHE E 85 27.84 9.76 12.72
C PHE E 85 26.34 9.92 12.79
N PRO E 86 25.83 10.67 13.76
CA PRO E 86 24.42 11.00 13.73
C PRO E 86 24.05 11.94 12.60
N LYS E 87 24.99 12.60 11.95
CA LYS E 87 24.63 13.35 10.76
C LYS E 87 24.49 12.42 9.56
N ASP E 88 24.59 11.11 9.76
CA ASP E 88 24.53 10.16 8.68
C ASP E 88 23.29 9.29 8.78
N VAL E 89 22.92 8.91 10.00
CA VAL E 89 21.71 8.13 10.18
C VAL E 89 20.49 8.99 9.94
N GLN E 90 20.56 10.25 10.35
CA GLN E 90 19.44 11.15 10.16
C GLN E 90 19.22 11.49 8.70
N LEU E 91 20.23 11.35 7.87
CA LEU E 91 20.01 11.64 6.47
C LEU E 91 19.53 10.39 5.75
N ALA E 92 19.56 9.25 6.41
CA ALA E 92 18.85 8.11 5.83
C ALA E 92 17.37 8.28 6.01
N ARG E 93 16.95 8.81 7.15
CA ARG E 93 15.53 8.95 7.41
C ARG E 93 14.94 10.14 6.68
N ARG E 94 15.74 11.13 6.30
CA ARG E 94 15.21 12.26 5.58
C ARG E 94 14.95 11.91 4.13
N ILE E 95 15.74 11.01 3.57
CA ILE E 95 15.57 10.67 2.18
C ILE E 95 14.50 9.60 2.01
N ARG E 96 14.32 8.74 3.02
CA ARG E 96 13.35 7.66 2.90
C ARG E 96 11.92 8.15 2.87
N GLY E 97 11.69 9.41 3.21
CA GLY E 97 10.55 10.08 2.65
C GLY E 97 9.22 9.69 3.23
N LEU E 98 8.87 10.28 4.37
CA LEU E 98 8.12 9.69 5.47
C LEU E 98 7.03 8.71 5.11
N GLU E 99 7.38 7.45 5.25
CA GLU E 99 6.61 6.41 5.88
C GLU E 99 7.53 5.44 6.57
N GLU E 100 8.84 5.66 6.49
CA GLU E 100 9.86 4.78 7.02
C GLU E 100 10.73 5.60 7.95
N GLY E 101 10.29 5.70 9.19
CA GLY E 101 10.98 6.47 10.18
C GLY E 101 10.19 7.71 10.52
N LEU E 102 9.98 7.95 11.80
CA LEU E 102 9.47 9.21 12.28
C LEU E 102 9.98 9.47 13.70
N LYS F 5 4.53 11.12 26.86
CA LYS F 5 5.20 10.21 27.78
C LYS F 5 4.51 10.22 29.14
N GLY F 6 3.67 9.20 29.38
CA GLY F 6 2.88 9.11 30.59
C GLY F 6 3.73 8.60 31.74
N GLY F 7 4.03 9.50 32.68
CA GLY F 7 4.77 9.17 33.89
C GLY F 7 4.47 10.24 34.93
N ALA F 8 4.37 9.83 36.19
CA ALA F 8 4.19 10.78 37.29
C ALA F 8 5.23 10.51 38.37
N LYS F 9 6.37 9.95 37.96
CA LYS F 9 7.48 9.70 38.88
C LYS F 9 8.20 10.99 39.21
N ARG F 10 8.51 11.20 40.49
CA ARG F 10 9.22 12.41 40.92
C ARG F 10 10.08 12.06 42.14
N HIS F 11 11.35 11.78 41.90
CA HIS F 11 12.32 11.65 42.97
C HIS F 11 13.70 12.21 42.65
N ARG F 12 13.92 12.73 41.43
CA ARG F 12 15.16 13.34 40.93
C ARG F 12 16.37 12.40 40.92
N LYS F 13 16.17 11.10 41.10
CA LYS F 13 17.20 10.07 41.00
C LYS F 13 16.49 8.73 40.86
N VAL F 14 17.07 7.80 40.11
CA VAL F 14 16.39 6.54 39.80
C VAL F 14 17.37 5.47 39.37
N LEU F 15 16.82 4.43 38.73
CA LEU F 15 17.55 3.39 38.01
C LEU F 15 18.01 3.93 36.65
N ARG F 16 18.35 3.03 35.72
CA ARG F 16 19.00 3.44 34.48
C ARG F 16 18.13 4.34 33.59
N ASP F 17 17.22 3.80 32.78
CA ASP F 17 15.87 4.33 32.70
C ASP F 17 14.87 3.20 32.70
N ASN F 18 14.63 2.67 31.50
CA ASN F 18 14.20 1.32 31.17
C ASN F 18 14.75 1.00 29.80
N ILE F 19 14.97 2.07 29.03
CA ILE F 19 15.58 1.98 27.71
C ILE F 19 17.07 1.78 27.81
N GLN F 20 17.66 2.07 28.97
CA GLN F 20 19.09 1.97 29.15
C GLN F 20 19.42 0.54 29.57
N GLY F 21 18.85 -0.39 28.82
CA GLY F 21 19.04 -1.81 28.97
C GLY F 21 19.35 -2.38 27.61
N ILE F 22 19.04 -1.62 26.57
CA ILE F 22 19.54 -1.95 25.25
C ILE F 22 20.98 -1.49 25.26
N THR F 23 21.89 -2.44 25.41
CA THR F 23 23.25 -2.17 25.83
C THR F 23 24.06 -1.53 24.72
N LYS F 24 25.24 -1.03 25.07
CA LYS F 24 26.20 -0.65 24.05
C LYS F 24 26.63 -1.81 23.16
N PRO F 25 27.10 -2.97 23.65
CA PRO F 25 27.60 -3.96 22.70
C PRO F 25 26.52 -4.72 21.97
N ALA F 26 25.26 -4.41 22.18
CA ALA F 26 24.26 -4.89 21.24
C ALA F 26 24.19 -3.97 20.04
N ILE F 27 24.13 -2.66 20.28
CA ILE F 27 24.03 -1.69 19.20
C ILE F 27 25.32 -1.66 18.38
N ARG F 28 26.42 -2.11 18.96
CA ARG F 28 27.55 -2.49 18.14
C ARG F 28 27.15 -3.63 17.22
N ARG F 29 26.69 -4.74 17.80
CA ARG F 29 26.53 -5.96 17.02
C ARG F 29 25.34 -5.89 16.08
N LEU F 30 24.42 -4.95 16.26
CA LEU F 30 23.51 -4.65 15.15
C LEU F 30 24.29 -4.08 14.00
N ALA F 31 25.08 -3.05 14.27
CA ALA F 31 25.73 -2.32 13.20
C ALA F 31 26.83 -3.11 12.53
N ARG F 32 27.50 -4.00 13.27
CA ARG F 32 28.53 -4.82 12.66
C ARG F 32 27.93 -5.79 11.67
N ARG F 33 26.70 -6.23 11.92
CA ARG F 33 25.99 -6.99 10.91
C ARG F 33 25.68 -6.13 9.71
N GLY F 34 25.49 -4.84 9.92
CA GLY F 34 25.15 -3.98 8.81
C GLY F 34 26.31 -3.70 7.88
N GLY F 35 27.51 -3.99 8.29
CA GLY F 35 28.65 -3.64 7.48
C GLY F 35 29.41 -2.47 8.00
N VAL F 36 28.94 -1.83 9.06
CA VAL F 36 29.60 -0.68 9.65
C VAL F 36 30.98 -1.06 10.13
N LYS F 37 32.01 -0.46 9.54
CA LYS F 37 33.35 -0.73 10.00
C LYS F 37 33.58 -0.12 11.36
N ARG F 38 33.15 1.10 11.53
CA ARG F 38 33.52 1.80 12.74
C ARG F 38 32.42 2.76 13.14
N ILE F 39 31.95 2.63 14.36
CA ILE F 39 30.78 3.35 14.82
C ILE F 39 31.28 4.63 15.46
N SER F 40 30.45 5.67 15.44
CA SER F 40 30.69 6.79 16.31
C SER F 40 30.30 6.47 17.73
N GLY F 41 30.55 7.44 18.61
CA GLY F 41 30.15 7.27 19.98
C GLY F 41 28.82 7.90 20.27
N LEU F 42 28.31 8.70 19.34
CA LEU F 42 27.02 9.31 19.58
C LEU F 42 25.87 8.51 18.98
N ILE F 43 26.17 7.43 18.27
CA ILE F 43 25.12 6.58 17.72
C ILE F 43 24.35 5.86 18.82
N TYR F 44 24.97 5.69 19.98
CA TYR F 44 24.33 4.96 21.07
C TYR F 44 23.20 5.77 21.67
N GLU F 45 23.33 7.09 21.66
CA GLU F 45 22.22 7.94 22.06
C GLU F 45 21.27 8.16 20.91
N GLU F 46 21.68 7.78 19.71
CA GLU F 46 20.81 7.93 18.56
C GLU F 46 19.88 6.74 18.41
N THR F 47 20.44 5.53 18.36
CA THR F 47 19.64 4.36 18.00
C THR F 47 18.67 3.99 19.10
N ARG F 48 18.93 4.45 20.32
CA ARG F 48 17.90 4.34 21.34
C ARG F 48 16.73 5.26 21.04
N GLY F 49 16.94 6.29 20.24
CA GLY F 49 15.82 7.14 19.89
C GLY F 49 15.12 6.70 18.62
N VAL F 50 15.86 6.07 17.70
CA VAL F 50 15.21 5.56 16.51
C VAL F 50 14.44 4.29 16.82
N LEU F 51 14.95 3.49 17.74
CA LEU F 51 14.22 2.28 18.13
C LEU F 51 12.97 2.61 18.93
N LYS F 52 13.01 3.68 19.72
CA LYS F 52 11.85 4.04 20.52
C LYS F 52 10.71 4.51 19.62
N VAL F 53 11.03 5.18 18.52
CA VAL F 53 9.96 5.67 17.67
C VAL F 53 9.58 4.61 16.66
N PHE F 54 10.34 3.52 16.56
CA PHE F 54 9.83 2.41 15.75
C PHE F 54 8.74 1.69 16.50
N LEU F 55 8.83 1.63 17.81
CA LEU F 55 7.83 0.85 18.50
C LEU F 55 6.58 1.65 18.75
N GLU F 56 6.65 2.97 18.70
CA GLU F 56 5.41 3.71 18.87
C GLU F 56 4.58 3.75 17.60
N ASN F 57 4.98 3.02 16.57
CA ASN F 57 4.16 2.87 15.38
C ASN F 57 3.86 1.43 15.07
N VAL F 58 4.25 0.51 15.93
CA VAL F 58 3.79 -0.87 15.86
C VAL F 58 2.96 -1.23 17.08
N ILE F 59 3.40 -0.80 18.25
CA ILE F 59 2.62 -1.04 19.45
C ILE F 59 1.39 -0.15 19.47
N ARG F 60 1.45 1.04 18.88
CA ARG F 60 0.25 1.86 18.86
C ARG F 60 -0.75 1.32 17.86
N ASP F 61 -0.29 0.62 16.84
CA ASP F 61 -1.26 0.01 15.96
C ASP F 61 -1.69 -1.36 16.43
N ALA F 62 -0.84 -2.08 17.15
CA ALA F 62 -1.26 -3.41 17.59
C ALA F 62 -2.07 -3.35 18.86
N VAL F 63 -2.10 -2.21 19.53
CA VAL F 63 -2.96 -2.10 20.70
C VAL F 63 -4.31 -1.55 20.29
N THR F 64 -4.47 -1.16 19.03
CA THR F 64 -5.80 -0.79 18.58
C THR F 64 -6.57 -2.01 18.11
N TYR F 65 -5.90 -2.90 17.39
CA TYR F 65 -6.49 -4.17 17.00
C TYR F 65 -6.92 -4.99 18.21
N THR F 66 -6.16 -4.95 19.29
CA THR F 66 -6.51 -5.74 20.45
C THR F 66 -7.56 -5.06 21.29
N GLU F 67 -7.59 -3.73 21.32
CA GLU F 67 -8.67 -3.08 22.05
C GLU F 67 -9.97 -3.13 21.26
N HIS F 68 -9.91 -3.51 19.99
CA HIS F 68 -11.14 -3.63 19.23
C HIS F 68 -11.84 -4.94 19.53
N ALA F 69 -11.24 -6.05 19.13
CA ALA F 69 -11.81 -7.35 19.47
C ALA F 69 -11.53 -7.55 20.93
N LYS F 70 -12.56 -7.48 21.76
CA LYS F 70 -12.40 -6.97 23.12
C LYS F 70 -11.57 -7.91 23.98
N ARG F 71 -10.27 -7.68 24.00
CA ARG F 71 -9.35 -8.57 24.65
C ARG F 71 -8.43 -7.77 25.54
N LYS F 72 -7.46 -8.46 26.13
CA LYS F 72 -6.36 -7.85 26.85
C LYS F 72 -5.04 -8.45 26.42
N THR F 73 -5.04 -9.41 25.50
CA THR F 73 -3.83 -10.16 25.20
C THR F 73 -3.41 -9.89 23.77
N VAL F 74 -2.30 -9.20 23.60
CA VAL F 74 -1.84 -8.82 22.28
C VAL F 74 -1.21 -10.02 21.61
N THR F 75 -1.96 -10.69 20.76
CA THR F 75 -1.51 -11.96 20.23
C THR F 75 -0.50 -11.78 19.13
N ALA F 76 -0.06 -12.91 18.59
CA ALA F 76 0.95 -12.89 17.55
C ALA F 76 0.39 -12.38 16.25
N MET F 77 -0.88 -12.68 15.97
CA MET F 77 -1.45 -12.23 14.72
C MET F 77 -1.77 -10.76 14.74
N ASP F 78 -1.70 -10.11 15.89
CA ASP F 78 -1.96 -8.68 15.88
C ASP F 78 -0.74 -7.92 15.41
N VAL F 79 0.44 -8.25 15.92
CA VAL F 79 1.65 -7.55 15.50
C VAL F 79 2.00 -7.90 14.07
N VAL F 80 1.56 -9.04 13.56
CA VAL F 80 1.70 -9.28 12.14
C VAL F 80 0.76 -8.37 11.36
N TYR F 81 -0.43 -8.11 11.89
CA TYR F 81 -1.35 -7.23 11.18
C TYR F 81 -0.94 -5.78 11.30
N ALA F 82 -0.41 -5.37 12.45
CA ALA F 82 -0.03 -3.98 12.59
C ALA F 82 1.26 -3.68 11.84
N LEU F 83 1.93 -4.72 11.35
CA LEU F 83 3.05 -4.52 10.45
C LEU F 83 2.66 -4.73 9.01
N LYS F 84 1.65 -5.55 8.74
CA LYS F 84 1.20 -5.64 7.36
C LYS F 84 0.43 -4.39 6.99
N ARG F 85 -0.27 -3.82 7.94
CA ARG F 85 -0.93 -2.56 7.69
C ARG F 85 0.08 -1.44 7.57
N GLN F 86 1.19 -1.53 8.27
CA GLN F 86 2.16 -0.46 8.25
C GLN F 86 2.95 -0.45 6.95
N GLY F 87 3.09 -1.61 6.32
CA GLY F 87 3.84 -1.73 5.10
C GLY F 87 4.98 -2.73 5.12
N ARG F 88 5.21 -3.41 6.23
CA ARG F 88 6.38 -4.25 6.45
C ARG F 88 5.85 -5.65 6.70
N THR F 89 5.61 -6.40 5.63
CA THR F 89 4.95 -7.68 5.76
C THR F 89 5.92 -8.67 6.37
N LEU F 90 5.51 -9.32 7.46
CA LEU F 90 6.35 -10.26 8.19
C LEU F 90 5.92 -11.67 7.86
N TYR F 91 6.88 -12.57 7.67
CA TYR F 91 6.54 -13.93 7.27
C TYR F 91 6.93 -14.98 8.29
N GLY F 92 6.65 -14.78 9.56
CA GLY F 92 7.03 -15.86 10.44
C GLY F 92 5.84 -16.54 11.05
N PHE F 93 4.75 -15.82 11.16
CA PHE F 93 3.79 -16.08 12.21
C PHE F 93 2.37 -16.13 11.69
N GLY F 94 2.14 -15.75 10.44
CA GLY F 94 0.81 -15.46 9.95
C GLY F 94 -0.07 -16.65 9.67
N LYS G 1 -41.49 17.37 9.40
CA LYS G 1 -41.83 16.16 10.14
C LYS G 1 -40.62 15.25 10.29
N ALA G 2 -39.60 15.73 11.02
CA ALA G 2 -38.36 15.02 11.35
C ALA G 2 -37.64 14.46 10.13
N LYS G 3 -37.24 15.35 9.24
CA LYS G 3 -36.76 14.94 7.91
C LYS G 3 -35.31 14.47 7.88
N SER G 4 -34.72 14.53 6.69
CA SER G 4 -33.63 13.71 6.11
C SER G 4 -32.42 13.60 7.04
N ARG G 5 -31.61 12.55 6.85
CA ARG G 5 -30.63 12.01 7.79
C ARG G 5 -29.57 13.03 8.12
N SER G 6 -29.08 13.70 7.07
CA SER G 6 -28.01 14.67 7.21
C SER G 6 -28.40 15.86 8.07
N SER G 7 -29.65 16.30 8.00
CA SER G 7 -30.14 17.33 8.89
C SER G 7 -30.48 16.78 10.26
N ARG G 8 -30.91 15.53 10.31
CA ARG G 8 -31.19 14.88 11.59
C ARG G 8 -29.94 14.71 12.43
N ALA G 9 -28.78 14.57 11.79
CA ALA G 9 -27.52 14.44 12.50
C ALA G 9 -26.82 15.76 12.75
N GLY G 10 -27.18 16.80 12.03
CA GLY G 10 -26.45 18.05 12.12
C GLY G 10 -25.18 17.99 11.32
N LEU G 11 -25.20 17.26 10.22
CA LEU G 11 -24.04 17.14 9.36
C LEU G 11 -24.31 17.95 8.10
N GLN G 12 -23.41 17.87 7.13
CA GLN G 12 -23.63 18.50 5.85
C GLN G 12 -23.39 17.49 4.75
N PHE G 13 -22.69 16.42 5.06
CA PHE G 13 -22.38 15.43 4.04
C PHE G 13 -23.51 14.40 3.94
N PRO G 14 -23.72 13.80 2.77
CA PRO G 14 -24.95 13.04 2.58
C PRO G 14 -24.93 11.68 3.24
N VAL G 15 -25.68 11.54 4.33
CA VAL G 15 -25.68 10.28 5.04
C VAL G 15 -26.47 9.25 4.27
N GLY G 16 -27.39 9.70 3.46
CA GLY G 16 -28.08 8.77 2.59
C GLY G 16 -27.18 8.21 1.52
N ARG G 17 -26.25 9.01 1.02
CA ARG G 17 -25.45 8.57 -0.11
C ARG G 17 -24.41 7.55 0.32
N VAL G 18 -23.84 7.71 1.51
CA VAL G 18 -22.77 6.83 1.95
C VAL G 18 -23.31 5.44 2.26
N HIS G 19 -24.52 5.37 2.81
CA HIS G 19 -25.12 4.08 3.09
C HIS G 19 -25.43 3.33 1.81
N ARG G 20 -25.59 4.04 0.69
CA ARG G 20 -25.63 3.34 -0.58
C ARG G 20 -24.25 2.88 -0.97
N LEU G 21 -23.24 3.69 -0.74
CA LEU G 21 -21.91 3.35 -1.19
C LEU G 21 -21.28 2.26 -0.35
N LEU G 22 -21.71 2.12 0.90
CA LEU G 22 -21.24 0.99 1.69
C LEU G 22 -21.89 -0.31 1.24
N ARG G 23 -23.02 -0.24 0.53
CA ARG G 23 -23.66 -1.46 0.12
C ARG G 23 -23.22 -1.88 -1.26
N LYS G 24 -23.04 -0.93 -2.17
CA LYS G 24 -22.55 -1.27 -3.51
C LYS G 24 -21.09 -1.65 -3.51
N GLY G 25 -20.36 -1.42 -2.43
CA GLY G 25 -18.94 -1.67 -2.43
C GLY G 25 -18.55 -3.12 -2.22
N ASN G 26 -19.47 -3.94 -1.71
CA ASN G 26 -19.15 -5.22 -1.08
C ASN G 26 -18.04 -5.05 -0.05
N TYR G 27 -18.27 -4.20 0.94
CA TYR G 27 -17.30 -4.10 2.00
C TYR G 27 -17.55 -5.14 3.07
N ALA G 28 -18.79 -5.24 3.53
CA ALA G 28 -19.23 -6.46 4.17
C ALA G 28 -20.60 -6.79 3.61
N GLU G 29 -21.16 -7.90 4.04
CA GLU G 29 -22.40 -8.33 3.46
C GLU G 29 -23.59 -7.62 4.08
N ARG G 30 -23.43 -7.13 5.31
CA ARG G 30 -24.45 -6.33 5.97
C ARG G 30 -23.78 -5.07 6.51
N VAL G 31 -24.46 -3.93 6.40
CA VAL G 31 -23.92 -2.65 6.84
C VAL G 31 -24.83 -2.09 7.90
N GLY G 32 -24.27 -1.79 9.07
CA GLY G 32 -25.08 -1.31 10.17
C GLY G 32 -25.64 0.06 9.90
N ALA G 33 -26.59 0.47 10.73
CA ALA G 33 -27.30 1.71 10.48
C ALA G 33 -26.64 2.88 11.21
N GLY G 34 -25.74 2.60 12.12
CA GLY G 34 -25.00 3.72 12.64
C GLY G 34 -23.73 3.99 11.91
N ALA G 35 -23.42 3.21 10.87
CA ALA G 35 -22.09 3.31 10.27
C ALA G 35 -21.91 4.55 9.39
N PRO G 36 -22.75 4.83 8.39
CA PRO G 36 -22.44 5.99 7.57
C PRO G 36 -22.73 7.31 8.24
N VAL G 37 -23.42 7.33 9.36
CA VAL G 37 -23.56 8.58 10.07
C VAL G 37 -22.30 8.86 10.88
N TYR G 38 -21.43 7.88 10.99
CA TYR G 38 -20.13 8.13 11.58
C TYR G 38 -19.11 8.40 10.51
N LEU G 39 -19.27 7.77 9.35
CA LEU G 39 -18.30 7.95 8.30
C LEU G 39 -18.49 9.27 7.59
N ALA G 40 -19.72 9.73 7.42
CA ALA G 40 -19.88 11.03 6.80
C ALA G 40 -19.64 12.15 7.78
N ALA G 41 -19.70 11.86 9.07
CA ALA G 41 -19.34 12.90 10.03
C ALA G 41 -17.84 13.10 10.06
N VAL G 42 -17.07 12.07 9.75
CA VAL G 42 -15.63 12.20 9.72
C VAL G 42 -15.18 12.97 8.50
N LEU G 43 -15.71 12.64 7.32
CA LEU G 43 -15.30 13.28 6.08
C LEU G 43 -15.63 14.77 6.09
N GLU G 44 -16.77 15.14 6.68
CA GLU G 44 -17.11 16.55 6.82
C GLU G 44 -16.14 17.28 7.72
N TYR G 45 -15.67 16.64 8.78
CA TYR G 45 -14.62 17.25 9.58
C TYR G 45 -13.33 17.44 8.79
N LEU G 46 -12.89 16.45 8.02
CA LEU G 46 -11.62 16.62 7.32
C LEU G 46 -11.72 17.65 6.22
N THR G 47 -12.87 17.75 5.57
CA THR G 47 -13.04 18.79 4.56
C THR G 47 -13.17 20.16 5.21
N ALA G 48 -13.69 20.21 6.44
CA ALA G 48 -13.64 21.46 7.16
C ALA G 48 -12.31 21.66 7.86
N GLU G 49 -11.34 20.80 7.60
CA GLU G 49 -10.03 21.01 8.17
C GLU G 49 -9.06 21.52 7.13
N ILE G 50 -9.19 21.06 5.90
CA ILE G 50 -8.34 21.58 4.84
C ILE G 50 -8.73 23.01 4.51
N LEU G 51 -10.02 23.25 4.28
CA LEU G 51 -10.48 24.55 3.85
C LEU G 51 -10.32 25.61 4.92
N GLU G 52 -10.28 25.24 6.18
CA GLU G 52 -9.92 26.23 7.19
C GLU G 52 -8.45 26.58 7.05
N LEU G 53 -7.61 25.63 6.63
CA LEU G 53 -6.22 25.95 6.44
C LEU G 53 -5.93 26.44 5.04
N ALA G 54 -6.74 26.02 4.06
CA ALA G 54 -6.55 26.46 2.69
C ALA G 54 -7.29 27.74 2.42
N GLY G 55 -8.04 28.25 3.39
CA GLY G 55 -8.52 29.60 3.26
C GLY G 55 -7.42 30.61 3.46
N ASN G 56 -6.45 30.29 4.31
CA ASN G 56 -5.42 31.25 4.65
C ASN G 56 -4.43 31.43 3.51
N ALA G 57 -4.17 30.38 2.74
CA ALA G 57 -3.26 30.49 1.62
C ALA G 57 -3.87 31.29 0.48
N ALA G 58 -5.19 31.42 0.45
CA ALA G 58 -5.78 32.45 -0.40
C ALA G 58 -5.72 33.80 0.27
N ARG G 59 -5.86 33.83 1.59
CA ARG G 59 -5.93 35.09 2.30
C ARG G 59 -4.57 35.76 2.36
N ASP G 60 -3.54 35.01 2.75
CA ASP G 60 -2.20 35.60 2.82
C ASP G 60 -1.59 35.84 1.44
N ASN G 61 -2.13 35.25 0.40
CA ASN G 61 -1.72 35.62 -0.94
C ASN G 61 -2.63 36.68 -1.54
N LYS G 62 -3.55 37.24 -0.74
CA LYS G 62 -4.45 38.33 -1.13
C LYS G 62 -5.30 37.98 -2.34
N LYS G 63 -5.92 36.81 -2.31
CA LYS G 63 -6.82 36.35 -3.36
C LYS G 63 -8.07 35.79 -2.70
N THR G 64 -9.13 35.62 -3.49
CA THR G 64 -10.37 35.12 -2.93
C THR G 64 -10.88 33.86 -3.59
N ARG G 65 -10.15 33.28 -4.52
CA ARG G 65 -10.55 32.05 -5.15
C ARG G 65 -9.46 31.02 -4.89
N ILE G 66 -9.80 29.96 -4.18
CA ILE G 66 -8.85 28.94 -3.79
C ILE G 66 -8.43 28.17 -5.03
N ILE G 67 -7.19 28.34 -5.45
CA ILE G 67 -6.60 27.65 -6.60
C ILE G 67 -6.05 26.34 -6.07
N PRO G 68 -5.48 25.43 -6.88
CA PRO G 68 -4.82 24.27 -6.29
C PRO G 68 -3.64 24.60 -5.42
N ARG G 69 -2.87 25.63 -5.77
CA ARG G 69 -1.69 25.99 -4.99
C ARG G 69 -2.07 26.44 -3.59
N HIS G 70 -3.29 26.92 -3.40
CA HIS G 70 -3.69 27.27 -2.05
C HIS G 70 -4.07 26.05 -1.24
N LEU G 71 -4.18 24.86 -1.86
CA LEU G 71 -4.30 23.65 -1.06
C LEU G 71 -2.93 23.10 -0.71
N GLN G 72 -2.01 23.16 -1.67
CA GLN G 72 -0.66 22.66 -1.48
C GLN G 72 0.04 23.40 -0.36
N LEU G 73 -0.29 24.67 -0.15
CA LEU G 73 0.29 25.41 0.96
C LEU G 73 -0.46 25.14 2.24
N ALA G 74 -1.48 24.31 2.20
CA ALA G 74 -2.18 23.98 3.42
C ALA G 74 -2.05 22.51 3.76
N ILE G 75 -1.80 21.68 2.76
CA ILE G 75 -1.53 20.30 3.06
C ILE G 75 -0.10 20.14 3.58
N ARG G 76 0.87 20.76 2.93
CA ARG G 76 2.24 20.55 3.33
C ARG G 76 2.65 21.40 4.52
N ASN G 77 1.89 22.41 4.87
CA ASN G 77 2.20 23.18 6.08
C ASN G 77 1.35 22.78 7.26
N ASP G 78 1.08 21.50 7.44
CA ASP G 78 0.46 20.99 8.65
C ASP G 78 1.05 19.63 8.97
N GLU G 79 1.28 19.37 10.26
CA GLU G 79 2.06 18.21 10.64
C GLU G 79 1.30 16.93 10.39
N GLU G 80 -0.02 16.95 10.58
CA GLU G 80 -0.74 15.70 10.44
C GLU G 80 -1.29 15.53 9.04
N LEU G 81 -1.64 16.63 8.37
CA LEU G 81 -2.11 16.50 7.00
C LEU G 81 -0.98 16.19 6.05
N ASN G 82 0.26 16.45 6.45
CA ASN G 82 1.39 15.92 5.72
C ASN G 82 1.38 14.41 5.77
N LYS G 83 1.40 13.85 6.98
CA LYS G 83 1.69 12.43 7.14
C LYS G 83 0.54 11.58 6.66
N LEU G 84 -0.67 12.14 6.60
CA LEU G 84 -1.80 11.44 6.00
C LEU G 84 -1.71 11.44 4.48
N LEU G 85 -1.33 12.55 3.91
CA LEU G 85 -1.16 12.61 2.46
C LEU G 85 0.30 12.42 2.12
N GLY G 86 0.83 11.27 2.54
CA GLY G 86 2.23 11.02 2.35
C GLY G 86 2.57 10.70 0.93
N ARG G 87 1.67 10.02 0.24
CA ARG G 87 1.96 9.62 -1.11
C ARG G 87 1.53 10.64 -2.12
N VAL G 88 0.61 11.51 -1.75
CA VAL G 88 -0.30 12.14 -2.67
C VAL G 88 0.35 13.36 -3.29
N THR G 89 0.46 13.37 -4.61
CA THR G 89 0.82 14.56 -5.35
C THR G 89 -0.45 15.29 -5.73
N ILE G 90 -0.32 16.55 -6.07
CA ILE G 90 -1.45 17.37 -6.48
C ILE G 90 -1.10 18.01 -7.81
N ALA G 91 -1.95 17.81 -8.81
CA ALA G 91 -1.71 18.46 -10.09
C ALA G 91 -1.91 19.95 -9.95
N GLN G 92 -1.11 20.71 -10.71
CA GLN G 92 -0.90 22.15 -10.52
C GLN G 92 -0.50 22.43 -9.08
N GLY G 93 0.53 21.76 -8.63
CA GLY G 93 0.85 21.83 -7.23
C GLY G 93 1.96 22.79 -6.86
N GLY G 94 3.02 22.82 -7.64
CA GLY G 94 4.14 23.59 -7.17
C GLY G 94 4.86 22.82 -6.10
N VAL G 95 5.78 23.51 -5.42
CA VAL G 95 6.48 22.94 -4.27
C VAL G 95 6.49 24.00 -3.18
N LEU G 96 7.02 23.64 -2.05
CA LEU G 96 7.20 24.63 -1.01
C LEU G 96 8.35 25.56 -1.37
N PRO G 97 8.39 26.75 -0.80
CA PRO G 97 9.60 27.56 -0.91
C PRO G 97 10.73 27.06 -0.02
N ASN G 98 11.49 26.06 -0.49
CA ASN G 98 12.66 25.58 0.21
C ASN G 98 13.84 26.50 -0.04
N ILE G 99 14.45 27.00 1.04
CA ILE G 99 15.64 27.81 0.96
C ILE G 99 16.75 27.06 1.72
N GLN G 100 17.68 26.47 0.99
CA GLN G 100 18.81 25.81 1.62
C GLN G 100 19.78 26.87 2.15
N SER G 101 20.26 26.67 3.38
CA SER G 101 21.10 27.68 4.01
C SER G 101 22.49 27.73 3.37
N VAL G 102 22.96 26.60 2.86
CA VAL G 102 24.30 26.58 2.27
C VAL G 102 24.30 27.13 0.85
N LEU G 103 23.16 27.11 0.17
CA LEU G 103 23.10 27.77 -1.12
C LEU G 103 22.92 29.28 -0.98
N LEU G 104 22.39 29.75 0.15
CA LEU G 104 22.12 31.16 0.37
C LEU G 104 23.39 31.87 0.82
N PRO G 105 23.23 33.10 1.31
CA PRO G 105 24.35 33.87 1.81
C PRO G 105 23.92 34.81 2.93
N ARG H 1 -23.18 11.83 -16.75
CA ARG H 1 -24.24 11.80 -15.75
C ARG H 1 -23.77 11.24 -14.42
N LYS H 2 -22.46 11.26 -14.21
CA LYS H 2 -21.92 10.81 -12.95
C LYS H 2 -22.16 11.86 -11.87
N GLU H 3 -22.17 11.39 -10.63
CA GLU H 3 -22.33 12.26 -9.48
C GLU H 3 -21.01 12.39 -8.75
N SER H 4 -20.92 13.36 -7.87
CA SER H 4 -19.75 13.64 -7.08
C SER H 4 -20.16 14.47 -5.88
N TYR H 5 -19.20 14.94 -5.11
CA TYR H 5 -19.53 15.63 -3.88
C TYR H 5 -19.34 17.12 -4.00
N SER H 6 -19.42 17.67 -5.20
CA SER H 6 -19.04 19.07 -5.39
C SER H 6 -20.07 20.03 -4.82
N VAL H 7 -21.29 19.56 -4.53
CA VAL H 7 -22.21 20.39 -3.78
C VAL H 7 -21.84 20.40 -2.32
N TYR H 8 -21.58 19.23 -1.76
CA TYR H 8 -21.47 19.10 -0.32
C TYR H 8 -20.20 19.75 0.22
N VAL H 9 -19.13 19.79 -0.58
CA VAL H 9 -17.93 20.53 -0.19
C VAL H 9 -18.23 22.00 -0.09
N TYR H 10 -19.07 22.50 -1.00
CA TYR H 10 -19.24 23.93 -1.14
C TYR H 10 -19.96 24.52 0.06
N LYS H 11 -20.87 23.75 0.67
CA LYS H 11 -21.56 24.23 1.85
C LYS H 11 -20.63 24.26 3.05
N VAL H 12 -19.59 23.41 3.03
CA VAL H 12 -18.63 23.44 4.11
C VAL H 12 -17.73 24.65 3.96
N LEU H 13 -17.50 25.08 2.73
CA LEU H 13 -16.69 26.27 2.52
C LEU H 13 -17.42 27.51 3.00
N LYS H 14 -18.73 27.59 2.76
CA LYS H 14 -19.48 28.78 3.17
C LYS H 14 -19.73 28.80 4.66
N GLN H 15 -19.33 27.76 5.38
CA GLN H 15 -19.60 27.75 6.81
C GLN H 15 -18.37 28.16 7.62
N VAL H 16 -17.17 27.96 7.09
CA VAL H 16 -15.95 28.36 7.79
C VAL H 16 -15.33 29.63 7.22
N HIS H 17 -15.48 29.90 5.91
CA HIS H 17 -15.08 31.18 5.33
C HIS H 17 -16.29 31.71 4.57
N PRO H 18 -17.04 32.65 5.15
CA PRO H 18 -18.32 33.04 4.56
C PRO H 18 -18.23 33.92 3.33
N ASP H 19 -17.08 34.05 2.71
CA ASP H 19 -16.94 34.94 1.56
C ASP H 19 -16.18 34.31 0.40
N THR H 20 -15.43 33.25 0.63
CA THR H 20 -14.41 32.79 -0.30
C THR H 20 -15.05 31.85 -1.32
N GLY H 21 -14.65 31.99 -2.57
CA GLY H 21 -15.04 31.03 -3.59
C GLY H 21 -14.00 29.96 -3.76
N ILE H 22 -14.26 29.07 -4.70
CA ILE H 22 -13.34 27.95 -4.94
C ILE H 22 -13.39 27.56 -6.40
N SER H 23 -12.24 27.57 -7.04
CA SER H 23 -12.23 27.43 -8.48
C SER H 23 -12.47 25.98 -8.88
N SER H 24 -12.77 25.79 -10.16
CA SER H 24 -13.38 24.55 -10.60
C SER H 24 -12.37 23.43 -10.74
N LYS H 25 -11.11 23.77 -10.91
CA LYS H 25 -10.12 22.69 -10.88
C LYS H 25 -9.69 22.43 -9.44
N ALA H 26 -9.98 23.35 -8.54
CA ALA H 26 -9.72 23.06 -7.14
C ALA H 26 -10.97 22.62 -6.42
N MET H 27 -11.98 22.21 -7.16
CA MET H 27 -12.99 21.35 -6.58
C MET H 27 -12.72 19.91 -6.94
N GLY H 28 -12.07 19.69 -8.09
CA GLY H 28 -11.74 18.35 -8.52
C GLY H 28 -10.73 17.67 -7.65
N ILE H 29 -9.98 18.43 -6.87
CA ILE H 29 -9.18 17.79 -5.83
C ILE H 29 -10.04 17.44 -4.64
N MET H 30 -10.91 18.35 -4.20
CA MET H 30 -11.69 18.08 -3.00
C MET H 30 -12.77 17.04 -3.23
N ASN H 31 -13.02 16.66 -4.49
CA ASN H 31 -13.77 15.44 -4.75
C ASN H 31 -12.86 14.24 -4.67
N SER H 32 -11.73 14.28 -5.35
CA SER H 32 -10.87 13.11 -5.35
C SER H 32 -10.07 13.01 -4.07
N PHE H 33 -10.19 13.97 -3.18
CA PHE H 33 -9.73 13.75 -1.82
C PHE H 33 -10.77 12.95 -1.05
N VAL H 34 -12.03 13.34 -1.14
CA VAL H 34 -13.01 12.71 -0.28
C VAL H 34 -13.47 11.40 -0.88
N ASN H 35 -13.07 11.10 -2.12
CA ASN H 35 -13.13 9.72 -2.59
C ASN H 35 -11.89 8.94 -2.23
N ASP H 36 -11.12 9.40 -1.27
CA ASP H 36 -9.92 8.68 -0.95
C ASP H 36 -9.71 8.55 0.54
N ILE H 37 -10.24 9.48 1.33
CA ILE H 37 -10.40 9.18 2.73
C ILE H 37 -11.52 8.17 2.91
N PHE H 38 -12.52 8.21 2.04
CA PHE H 38 -13.59 7.23 2.11
C PHE H 38 -13.09 5.85 1.78
N GLU H 39 -12.44 5.69 0.65
CA GLU H 39 -12.13 4.34 0.22
C GLU H 39 -10.91 3.79 0.97
N ARG H 40 -10.23 4.59 1.77
CA ARG H 40 -9.28 4.02 2.73
C ARG H 40 -9.98 3.60 4.00
N ILE H 41 -10.92 4.39 4.49
CA ILE H 41 -11.58 4.07 5.75
C ILE H 41 -12.51 2.87 5.58
N ALA H 42 -13.45 2.97 4.66
CA ALA H 42 -14.33 1.83 4.48
C ALA H 42 -13.75 0.81 3.54
N GLY H 43 -12.50 0.99 3.12
CA GLY H 43 -11.78 -0.13 2.56
C GLY H 43 -11.10 -0.94 3.63
N GLU H 44 -11.06 -0.42 4.84
CA GLU H 44 -10.34 -1.05 5.93
C GLU H 44 -11.25 -1.33 7.11
N ALA H 45 -12.40 -0.69 7.18
CA ALA H 45 -13.42 -1.20 8.07
C ALA H 45 -14.09 -2.43 7.50
N SER H 46 -13.85 -2.73 6.24
CA SER H 46 -14.18 -4.05 5.72
C SER H 46 -13.34 -5.11 6.38
N ARG H 47 -12.14 -4.77 6.80
CA ARG H 47 -11.19 -5.83 7.12
C ARG H 47 -11.20 -6.17 8.59
N LEU H 48 -11.65 -5.27 9.45
CA LEU H 48 -11.87 -5.70 10.82
C LEU H 48 -13.18 -6.47 10.93
N ALA H 49 -14.06 -6.34 9.95
CA ALA H 49 -15.20 -7.24 9.88
C ALA H 49 -14.77 -8.63 9.45
N HIS H 50 -13.63 -8.74 8.81
CA HIS H 50 -13.18 -10.05 8.37
C HIS H 50 -12.24 -10.69 9.38
N TYR H 51 -11.46 -9.90 10.11
CA TYR H 51 -10.49 -10.49 11.03
C TYR H 51 -11.15 -10.92 12.32
N ASN H 52 -12.29 -10.35 12.64
CA ASN H 52 -13.07 -10.88 13.74
C ASN H 52 -14.18 -11.78 13.25
N LYS H 53 -14.30 -11.87 11.93
CA LYS H 53 -15.17 -12.82 11.24
C LYS H 53 -16.63 -12.56 11.59
N ARG H 54 -16.93 -11.30 11.83
CA ARG H 54 -18.27 -10.81 11.97
C ARG H 54 -18.85 -10.59 10.59
N SER H 55 -19.95 -9.88 10.52
CA SER H 55 -20.52 -9.61 9.23
C SER H 55 -21.08 -8.22 9.05
N THR H 56 -21.24 -7.43 10.11
CA THR H 56 -21.86 -6.12 10.01
C THR H 56 -20.85 -5.04 10.32
N ILE H 57 -20.61 -4.15 9.36
CA ILE H 57 -19.78 -2.98 9.64
C ILE H 57 -20.60 -2.05 10.52
N THR H 58 -20.40 -2.15 11.82
CA THR H 58 -21.12 -1.29 12.72
C THR H 58 -20.48 0.09 12.75
N SER H 59 -21.03 0.96 13.58
CA SER H 59 -20.39 2.24 13.80
C SER H 59 -19.14 2.07 14.61
N ARG H 60 -19.02 0.96 15.32
CA ARG H 60 -17.85 0.69 16.12
C ARG H 60 -16.66 0.32 15.25
N GLU H 61 -16.89 -0.27 14.08
CA GLU H 61 -15.77 -0.64 13.24
C GLU H 61 -15.32 0.48 12.33
N ILE H 62 -16.00 1.62 12.32
CA ILE H 62 -15.40 2.80 11.71
C ILE H 62 -14.50 3.47 12.72
N GLN H 63 -14.74 3.23 14.00
CA GLN H 63 -14.00 3.93 15.02
C GLN H 63 -12.57 3.45 15.08
N THR H 64 -12.34 2.15 14.94
CA THR H 64 -10.95 1.75 14.90
C THR H 64 -10.41 1.79 13.50
N ALA H 65 -11.26 1.96 12.50
CA ALA H 65 -10.73 2.21 11.16
C ALA H 65 -10.30 3.65 11.03
N VAL H 66 -10.77 4.53 11.91
CA VAL H 66 -10.20 5.87 11.95
C VAL H 66 -8.90 5.85 12.73
N ARG H 67 -8.88 5.21 13.89
CA ARG H 67 -7.73 5.28 14.79
C ARG H 67 -6.49 4.63 14.22
N LEU H 68 -6.63 3.78 13.23
CA LEU H 68 -5.48 3.32 12.49
C LEU H 68 -5.00 4.31 11.44
N LEU H 69 -5.90 5.00 10.76
CA LEU H 69 -5.52 5.76 9.57
C LEU H 69 -5.06 7.17 9.85
N LEU H 70 -5.90 7.99 10.44
CA LEU H 70 -5.55 9.37 10.65
C LEU H 70 -4.54 9.46 11.78
N PRO H 71 -3.39 10.00 11.56
CA PRO H 71 -2.35 9.92 12.57
C PRO H 71 -2.35 11.14 13.46
N GLY H 72 -1.54 11.09 14.52
CA GLY H 72 -1.30 12.29 15.29
C GLY H 72 -2.48 12.66 16.17
N GLU H 73 -2.59 13.97 16.43
CA GLU H 73 -3.70 14.52 17.18
C GLU H 73 -4.87 14.82 16.26
N LEU H 74 -4.74 14.49 15.00
CA LEU H 74 -5.85 14.62 14.07
C LEU H 74 -6.95 13.64 14.37
N ALA H 75 -6.61 12.43 14.78
CA ALA H 75 -7.62 11.42 15.04
C ALA H 75 -8.34 11.61 16.35
N LYS H 76 -7.70 12.24 17.34
CA LYS H 76 -8.36 12.47 18.61
C LYS H 76 -9.52 13.44 18.47
N HIS H 77 -9.45 14.34 17.49
CA HIS H 77 -10.59 15.20 17.27
C HIS H 77 -11.62 14.55 16.38
N ALA H 78 -11.19 13.75 15.40
CA ALA H 78 -12.14 13.14 14.49
C ALA H 78 -13.00 12.12 15.20
N VAL H 79 -12.40 11.34 16.10
CA VAL H 79 -13.17 10.37 16.86
C VAL H 79 -14.00 11.08 17.91
N SER H 80 -13.62 12.29 18.28
CA SER H 80 -14.45 13.06 19.18
C SER H 80 -15.68 13.57 18.48
N GLU H 81 -15.60 13.77 17.17
CA GLU H 81 -16.63 14.47 16.47
C GLU H 81 -17.51 13.55 15.65
N GLY H 82 -17.05 12.34 15.35
CA GLY H 82 -17.97 11.33 14.89
C GLY H 82 -18.99 10.95 15.94
N THR H 83 -18.54 10.60 17.14
CA THR H 83 -19.43 10.22 18.22
C THR H 83 -20.30 11.35 18.71
N LYS H 84 -19.88 12.60 18.55
CA LYS H 84 -20.78 13.70 18.75
C LYS H 84 -21.94 13.65 17.77
N ALA H 85 -21.67 13.33 16.51
CA ALA H 85 -22.77 13.19 15.57
C ALA H 85 -23.31 11.78 15.49
N VAL H 86 -23.13 10.98 16.54
CA VAL H 86 -23.87 9.74 16.64
C VAL H 86 -24.83 9.80 17.82
N THR H 87 -24.42 10.45 18.91
CA THR H 87 -25.31 10.71 20.03
C THR H 87 -26.54 11.50 19.58
N LYS H 88 -26.34 12.50 18.75
CA LYS H 88 -27.49 13.19 18.21
C LYS H 88 -27.90 12.65 16.85
N TYR H 89 -27.60 11.39 16.56
CA TYR H 89 -28.40 10.68 15.57
C TYR H 89 -29.53 9.95 16.25
N THR H 90 -29.25 9.35 17.40
CA THR H 90 -30.27 8.60 18.12
C THR H 90 -31.21 9.55 18.84
N SER H 91 -30.69 10.39 19.71
CA SER H 91 -31.51 11.30 20.51
C SER H 91 -31.98 12.44 19.61
N SER H 92 -32.98 12.13 18.78
CA SER H 92 -33.55 13.11 17.87
C SER H 92 -35.07 13.09 18.00
N THR K 1 -18.57 25.75 17.11
CA THR K 1 -18.37 26.25 15.75
C THR K 1 -17.40 25.36 14.99
N LYS K 2 -16.34 25.95 14.45
CA LYS K 2 -15.30 25.23 13.71
C LYS K 2 -13.98 25.46 14.43
N SER K 3 -13.69 24.59 15.40
CA SER K 3 -12.53 24.76 16.27
C SER K 3 -11.27 24.29 15.56
N ARG K 4 -10.17 24.29 16.33
CA ARG K 4 -8.88 23.97 15.70
C ARG K 4 -8.04 22.98 16.51
N ARG K 5 -7.17 22.32 15.74
CA ARG K 5 -6.09 21.35 16.04
C ARG K 5 -4.81 22.15 15.80
N ILE K 6 -3.78 21.97 16.65
CA ILE K 6 -2.61 22.83 16.62
C ILE K 6 -1.86 22.52 15.33
N SER K 7 -2.09 23.34 14.31
CA SER K 7 -1.42 23.21 13.03
C SER K 7 -0.16 24.07 13.03
N ARG K 8 1.00 23.44 13.02
CA ARG K 8 2.22 24.19 13.27
C ARG K 8 2.92 24.67 12.00
N ARG K 9 3.59 23.68 11.40
CA ARG K 9 4.48 23.74 10.20
C ARG K 9 5.08 22.34 9.99
N PRO K 10 6.14 22.17 9.16
CA PRO K 10 6.74 20.84 8.89
C PRO K 10 7.32 20.08 10.10
N SER K 11 8.01 20.80 11.00
CA SER K 11 8.63 20.32 12.28
C SER K 11 9.96 19.58 12.11
N ASP K 12 10.51 19.49 10.90
CA ASP K 12 11.86 18.88 10.68
C ASP K 12 11.97 17.46 11.28
N TRP K 13 11.00 16.58 11.01
CA TRP K 13 11.03 15.17 11.48
C TRP K 13 12.32 14.48 11.00
N TRP K 14 12.87 13.57 11.81
CA TRP K 14 14.08 12.85 11.45
C TRP K 14 15.29 13.13 12.34
N VAL K 15 15.13 13.84 13.44
CA VAL K 15 16.22 13.91 14.41
C VAL K 15 15.70 13.46 15.76
N VAL K 16 16.50 12.63 16.43
CA VAL K 16 16.04 12.07 17.74
C VAL K 16 16.95 12.55 18.88
N LYS K 17 16.35 13.17 19.89
CA LYS K 17 17.07 13.64 21.09
C LYS K 17 16.16 13.33 22.29
N SER K 18 16.72 12.96 23.43
CA SER K 18 15.87 12.67 24.62
C SER K 18 15.12 13.95 24.98
N GLU K 19 13.83 13.86 25.28
CA GLU K 19 13.08 15.09 25.62
C GLU K 19 13.72 15.68 26.88
N GLU K 20 13.98 16.99 26.90
CA GLU K 20 14.62 17.61 28.09
C GLU K 20 13.93 18.95 28.40
N LYS L 2 10.68 -28.96 -15.31
CA LYS L 2 10.64 -27.66 -14.65
C LYS L 2 11.70 -26.74 -15.23
N SER L 3 11.29 -25.90 -16.18
CA SER L 3 12.21 -25.04 -16.92
C SER L 3 12.58 -23.82 -16.07
N ARG L 4 13.28 -22.88 -16.68
CA ARG L 4 13.82 -21.75 -15.96
C ARG L 4 13.58 -20.46 -16.72
N ARG L 5 13.65 -19.37 -15.97
CA ARG L 5 13.99 -18.08 -16.53
C ARG L 5 15.48 -17.85 -16.31
N ILE L 6 15.99 -16.69 -16.66
CA ILE L 6 17.40 -16.37 -16.46
C ILE L 6 17.51 -15.64 -15.14
N SER L 7 17.83 -16.38 -14.09
CA SER L 7 18.03 -15.80 -12.76
C SER L 7 19.49 -15.35 -12.65
N ARG L 8 19.70 -14.05 -12.59
CA ARG L 8 21.07 -13.55 -12.72
C ARG L 8 21.78 -13.36 -11.38
N ARG L 9 21.29 -12.40 -10.61
CA ARG L 9 22.07 -11.72 -9.58
C ARG L 9 21.10 -10.71 -8.98
N PRO L 10 21.41 -10.04 -7.87
CA PRO L 10 20.80 -8.72 -7.63
C PRO L 10 21.12 -7.70 -8.72
N SER L 11 22.18 -7.91 -9.50
CA SER L 11 22.28 -7.51 -10.91
C SER L 11 22.15 -6.00 -11.08
N ASP L 12 23.25 -5.33 -10.72
CA ASP L 12 23.37 -3.92 -10.36
C ASP L 12 22.53 -2.97 -11.22
N TRP L 13 21.96 -1.98 -10.55
CA TRP L 13 21.10 -0.98 -11.16
C TRP L 13 21.56 0.32 -10.51
N TRP L 14 20.70 1.33 -10.53
CA TRP L 14 20.84 2.64 -9.87
C TRP L 14 22.06 3.43 -10.33
N VAL L 15 22.72 2.99 -11.39
CA VAL L 15 23.86 3.69 -11.97
C VAL L 15 23.57 3.72 -13.46
N VAL L 16 22.29 3.54 -13.78
CA VAL L 16 21.89 2.96 -15.06
C VAL L 16 22.12 3.95 -16.20
N LYS L 17 22.46 3.41 -17.36
CA LYS L 17 22.68 4.16 -18.57
C LYS L 17 21.93 3.48 -19.71
N SER L 18 21.81 4.19 -20.82
CA SER L 18 21.27 3.60 -22.03
C SER L 18 22.29 2.66 -22.65
N GLU L 19 21.78 1.69 -23.40
CA GLU L 19 22.66 0.75 -24.09
C GLU L 19 23.31 1.45 -25.26
N GLU L 20 24.50 1.99 -25.05
CA GLU L 20 25.19 2.76 -26.08
C GLU L 20 26.58 2.19 -26.34
N MET M 1 9.37 -19.63 -33.11
CA MET M 1 9.59 -18.51 -34.03
C MET M 1 8.92 -17.21 -33.55
N ASP M 2 8.26 -16.49 -34.46
CA ASP M 2 7.80 -15.12 -34.24
C ASP M 2 6.72 -15.05 -33.16
N GLU M 3 6.61 -13.87 -32.55
CA GLU M 3 5.64 -13.65 -31.48
C GLU M 3 4.80 -12.40 -31.73
N THR M 4 5.41 -11.36 -32.29
CA THR M 4 4.76 -10.07 -32.41
C THR M 4 3.91 -9.93 -33.67
N VAL M 5 3.96 -10.91 -34.58
CA VAL M 5 3.03 -10.91 -35.70
C VAL M 5 1.73 -11.56 -35.30
N ALA M 6 1.72 -12.32 -34.20
CA ALA M 6 0.49 -12.90 -33.68
C ALA M 6 -0.47 -11.84 -33.17
N GLU M 7 0.06 -10.72 -32.68
CA GLU M 7 -0.79 -9.63 -32.21
C GLU M 7 -1.55 -9.00 -33.37
N PHE M 8 -0.98 -9.01 -34.57
CA PHE M 8 -1.71 -8.49 -35.71
C PHE M 8 -2.84 -9.44 -36.11
N ILE M 9 -2.59 -10.74 -36.04
CA ILE M 9 -3.59 -11.66 -36.58
C ILE M 9 -4.68 -11.89 -35.56
N LYS M 10 -4.35 -11.89 -34.27
CA LYS M 10 -5.36 -12.01 -33.24
C LYS M 10 -6.31 -10.83 -33.24
N ARG M 11 -5.77 -9.63 -33.46
CA ARG M 11 -6.60 -8.44 -33.48
C ARG M 11 -7.51 -8.42 -34.69
N THR M 12 -7.09 -9.05 -35.79
CA THR M 12 -7.91 -9.03 -36.99
C THR M 12 -9.01 -10.07 -36.94
N ILE M 13 -8.70 -11.27 -36.41
CA ILE M 13 -9.69 -12.32 -36.32
C ILE M 13 -10.79 -11.95 -35.32
N LEU M 14 -10.46 -11.17 -34.29
CA LEU M 14 -11.50 -10.67 -33.41
C LEU M 14 -12.43 -9.68 -34.11
N LYS M 15 -11.93 -8.95 -35.11
CA LYS M 15 -12.82 -8.08 -35.90
C LYS M 15 -13.68 -8.88 -36.86
N ILE M 16 -13.25 -10.07 -37.24
CA ILE M 16 -14.03 -10.91 -38.15
C ILE M 16 -15.27 -11.40 -37.40
N PRO M 17 -16.47 -11.24 -37.96
CA PRO M 17 -17.67 -11.68 -37.26
C PRO M 17 -17.74 -13.19 -37.13
N MET M 18 -18.63 -13.64 -36.23
CA MET M 18 -18.87 -15.05 -36.02
C MET M 18 -19.45 -15.73 -37.25
N ASN M 19 -20.25 -15.01 -38.02
CA ASN M 19 -21.16 -15.64 -38.96
C ASN M 19 -20.48 -15.91 -40.29
N GLU M 20 -19.25 -15.44 -40.49
CA GLU M 20 -18.55 -15.63 -41.75
C GLU M 20 -17.07 -15.97 -41.53
N LEU M 21 -16.79 -16.82 -40.54
CA LEU M 21 -15.42 -17.02 -40.12
C LEU M 21 -14.69 -18.01 -41.04
N THR M 22 -15.32 -19.16 -41.33
CA THR M 22 -14.74 -20.09 -42.28
C THR M 22 -14.97 -19.67 -43.73
N THR M 23 -15.82 -18.68 -43.98
CA THR M 23 -15.95 -18.12 -45.30
C THR M 23 -14.67 -17.39 -45.70
N ILE M 24 -14.03 -16.74 -44.73
CA ILE M 24 -12.75 -16.10 -45.00
C ILE M 24 -11.66 -17.15 -45.21
N LEU M 25 -11.57 -18.13 -44.29
CA LEU M 25 -10.35 -18.91 -44.12
C LEU M 25 -10.12 -19.89 -45.26
N LYS M 26 -11.18 -20.25 -46.01
CA LYS M 26 -10.99 -21.01 -47.23
C LYS M 26 -10.26 -20.19 -48.28
N ALA M 27 -10.57 -18.91 -48.39
CA ALA M 27 -9.82 -18.01 -49.26
C ALA M 27 -8.46 -17.66 -48.68
N TRP M 28 -8.31 -17.74 -47.35
CA TRP M 28 -7.05 -17.34 -46.74
C TRP M 28 -5.96 -18.37 -46.97
N ASP M 29 -6.34 -19.64 -47.08
CA ASP M 29 -5.56 -20.67 -47.78
C ASP M 29 -4.23 -20.95 -47.08
N PHE M 30 -4.29 -20.99 -45.76
CA PHE M 30 -3.07 -21.24 -44.99
C PHE M 30 -3.19 -22.35 -43.95
N LEU M 31 -4.30 -22.49 -43.26
CA LEU M 31 -4.40 -23.45 -42.17
C LEU M 31 -4.82 -24.81 -42.71
N SER M 32 -4.28 -25.85 -42.10
CA SER M 32 -4.58 -27.22 -42.50
C SER M 32 -5.99 -27.58 -42.07
N GLU M 33 -6.83 -27.91 -43.05
CA GLU M 33 -8.24 -28.18 -42.77
C GLU M 33 -8.46 -29.49 -42.02
N ASN M 34 -7.47 -30.39 -41.99
CA ASN M 34 -7.56 -31.56 -41.11
C ASN M 34 -7.51 -31.14 -39.66
N GLN M 35 -6.85 -30.03 -39.36
CA GLN M 35 -6.88 -29.47 -38.02
C GLN M 35 -8.09 -28.56 -37.83
N LEU M 36 -8.69 -28.09 -38.94
CA LEU M 36 -9.97 -27.39 -38.86
C LEU M 36 -11.10 -28.30 -38.43
N GLN M 37 -10.92 -29.61 -38.60
CA GLN M 37 -11.78 -30.59 -37.95
C GLN M 37 -11.71 -30.47 -36.44
N THR M 38 -10.55 -30.12 -35.90
CA THR M 38 -10.39 -29.94 -34.46
C THR M 38 -10.73 -28.51 -34.05
N VAL M 39 -10.64 -27.55 -34.99
CA VAL M 39 -10.95 -26.16 -34.70
C VAL M 39 -12.43 -26.02 -34.37
N ASN M 40 -12.70 -25.59 -33.14
CA ASN M 40 -14.07 -25.37 -32.72
C ASN M 40 -14.62 -24.14 -33.43
N PHE M 41 -15.84 -24.24 -33.94
CA PHE M 41 -16.56 -23.11 -34.49
C PHE M 41 -17.81 -22.82 -33.69
N ARG M 42 -17.81 -23.16 -32.40
CA ARG M 42 -19.03 -23.07 -31.60
C ARG M 42 -18.89 -22.27 -30.31
N GLN M 43 -17.81 -22.45 -29.57
CA GLN M 43 -17.70 -21.89 -28.23
C GLN M 43 -17.28 -20.42 -28.28
N ARG M 44 -16.90 -19.85 -27.13
CA ARG M 44 -16.67 -18.41 -27.02
C ARG M 44 -15.38 -17.99 -27.71
N LYS M 45 -15.33 -16.71 -28.11
CA LYS M 45 -14.35 -16.24 -29.09
C LYS M 45 -12.91 -16.27 -28.59
N GLU M 46 -12.66 -15.77 -27.38
CA GLU M 46 -11.30 -15.56 -26.91
C GLU M 46 -10.58 -16.89 -26.67
N SER M 47 -11.34 -17.97 -26.50
CA SER M 47 -10.75 -19.30 -26.58
C SER M 47 -10.57 -19.76 -28.01
N VAL M 48 -11.50 -19.40 -28.91
CA VAL M 48 -11.46 -19.90 -30.28
C VAL M 48 -10.30 -19.26 -31.05
N VAL M 49 -10.09 -17.96 -30.88
CA VAL M 49 -9.08 -17.27 -31.66
C VAL M 49 -7.68 -17.58 -31.17
N GLN M 50 -7.53 -18.12 -29.96
CA GLN M 50 -6.22 -18.64 -29.55
C GLN M 50 -5.92 -19.95 -30.25
N HIS M 51 -6.96 -20.67 -30.68
CA HIS M 51 -6.77 -21.99 -31.26
C HIS M 51 -6.32 -21.89 -32.71
N LEU M 52 -6.62 -20.78 -33.38
CA LEU M 52 -6.19 -20.62 -34.77
C LEU M 52 -4.76 -20.12 -34.85
N ILE M 53 -4.37 -19.21 -33.95
CA ILE M 53 -3.00 -18.70 -33.94
C ILE M 53 -2.04 -19.81 -33.51
N HIS M 54 -2.53 -20.73 -32.70
CA HIS M 54 -1.79 -21.93 -32.36
C HIS M 54 -1.49 -22.79 -33.58
N LEU M 55 -2.34 -22.70 -34.61
CA LEU M 55 -2.06 -23.41 -35.86
C LEU M 55 -1.29 -22.55 -36.85
N CYS M 56 -1.28 -21.23 -36.65
CA CYS M 56 -0.42 -20.38 -37.48
C CYS M 56 1.01 -20.38 -36.96
N GLU M 57 1.20 -20.50 -35.65
CA GLU M 57 2.52 -20.56 -35.06
C GLU M 57 3.15 -21.94 -35.10
N GLU M 58 2.66 -22.82 -35.97
CA GLU M 58 3.31 -24.10 -36.23
C GLU M 58 3.85 -24.19 -37.65
N LYS M 59 3.10 -23.72 -38.64
CA LYS M 59 3.52 -23.87 -40.04
C LYS M 59 4.49 -22.77 -40.45
N ARG M 60 3.99 -21.54 -40.55
CA ARG M 60 4.78 -20.42 -41.06
C ARG M 60 4.30 -19.15 -40.38
N ALA M 61 5.23 -18.23 -40.15
CA ALA M 61 4.91 -16.94 -39.56
C ALA M 61 5.57 -15.86 -40.42
N SER M 62 4.80 -15.26 -41.30
CA SER M 62 5.25 -14.12 -42.08
C SER M 62 4.16 -13.06 -42.04
N ILE M 63 4.54 -11.84 -41.68
CA ILE M 63 3.59 -10.73 -41.68
C ILE M 63 3.21 -10.34 -43.10
N SER M 64 4.04 -10.69 -44.09
CA SER M 64 3.76 -10.37 -45.49
C SER M 64 2.56 -11.17 -45.99
N ASP M 65 2.36 -12.37 -45.46
CA ASP M 65 1.16 -13.14 -45.76
C ASP M 65 0.01 -12.79 -44.83
N ALA M 66 0.30 -12.10 -43.74
CA ALA M 66 -0.75 -11.75 -42.78
C ALA M 66 -1.57 -10.56 -43.27
N ALA M 67 -0.99 -9.74 -44.14
CA ALA M 67 -1.73 -8.58 -44.64
C ALA M 67 -2.83 -9.00 -45.61
N LEU M 68 -2.71 -10.19 -46.19
CA LEU M 68 -3.73 -10.70 -47.09
C LEU M 68 -5.01 -11.04 -46.36
N LEU M 69 -4.91 -11.35 -45.05
CA LEU M 69 -6.08 -11.66 -44.25
C LEU M 69 -6.90 -10.40 -43.97
N ASP M 70 -6.23 -9.25 -43.85
CA ASP M 70 -6.94 -8.00 -43.68
C ASP M 70 -7.54 -7.52 -44.99
N ILE M 71 -7.08 -8.05 -46.11
CA ILE M 71 -7.62 -7.69 -47.42
C ILE M 71 -8.97 -8.37 -47.64
N ILE M 72 -9.03 -9.68 -47.37
CA ILE M 72 -10.25 -10.45 -47.59
C ILE M 72 -11.36 -9.97 -46.67
N TYR M 73 -11.02 -9.51 -45.46
CA TYR M 73 -12.01 -8.92 -44.58
C TYR M 73 -12.54 -7.61 -45.15
N MET M 74 -11.67 -6.79 -45.74
CA MET M 74 -12.11 -5.52 -46.29
C MET M 74 -12.84 -5.70 -47.61
N GLN M 75 -12.62 -6.83 -48.29
CA GLN M 75 -13.37 -7.11 -49.52
C GLN M 75 -14.84 -7.35 -49.25
N PHE M 76 -15.19 -7.82 -48.06
CA PHE M 76 -16.54 -8.32 -47.82
C PHE M 76 -17.35 -7.38 -46.94
N HIS M 77 -16.72 -6.33 -46.41
CA HIS M 77 -17.36 -5.34 -45.55
C HIS M 77 -17.16 -3.95 -46.12
N GLN M 78 -17.50 -3.77 -47.40
CA GLN M 78 -17.19 -2.54 -48.10
C GLN M 78 -18.13 -1.40 -47.76
N HIS M 79 -19.00 -1.56 -46.77
CA HIS M 79 -19.73 -0.43 -46.20
C HIS M 79 -18.97 0.22 -45.04
N GLN M 80 -17.81 -0.32 -44.65
CA GLN M 80 -17.11 0.21 -43.49
C GLN M 80 -16.46 1.55 -43.80
N LYS M 81 -15.47 1.54 -44.69
CA LYS M 81 -14.70 2.75 -44.95
C LYS M 81 -15.39 3.61 -45.99
N VAL M 82 -15.00 4.88 -46.01
CA VAL M 82 -15.38 5.80 -47.06
C VAL M 82 -14.43 5.59 -48.24
N TRP M 83 -14.98 5.48 -49.44
CA TRP M 83 -14.21 5.04 -50.60
C TRP M 83 -13.91 6.20 -51.54
N ASP M 84 -12.80 6.07 -52.26
CA ASP M 84 -12.24 7.14 -53.06
C ASP M 84 -11.85 6.59 -54.43
N VAL M 85 -11.99 7.43 -55.46
CA VAL M 85 -11.71 7.04 -56.83
C VAL M 85 -10.81 8.10 -57.46
N PHE M 86 -9.70 7.65 -58.06
CA PHE M 86 -8.82 8.46 -58.87
C PHE M 86 -8.87 7.99 -60.32
N GLN M 87 -8.03 8.60 -61.16
CA GLN M 87 -7.82 8.16 -62.52
C GLN M 87 -6.41 8.56 -62.94
N MET M 88 -5.70 7.63 -63.58
CA MET M 88 -4.37 7.90 -64.11
C MET M 88 -4.42 7.96 -65.63
N SER M 89 -3.43 8.63 -66.21
CA SER M 89 -3.39 8.85 -67.66
C SER M 89 -1.95 9.03 -68.09
N LYS M 90 -1.77 9.48 -69.35
CA LYS M 90 -0.48 9.69 -70.01
C LYS M 90 0.36 8.40 -70.02
N GLY M 91 -0.16 7.40 -70.71
CA GLY M 91 0.53 6.13 -70.85
C GLY M 91 -0.27 5.08 -71.59
N PHE M 99 -4.76 -9.57 -65.76
CA PHE M 99 -3.47 -10.25 -65.81
C PHE M 99 -2.82 -10.25 -64.44
N ASP M 100 -2.09 -11.32 -64.12
CA ASP M 100 -1.54 -11.55 -62.79
C ASP M 100 -0.38 -10.63 -62.41
N MET M 101 0.00 -9.70 -63.29
CA MET M 101 0.83 -8.53 -62.97
C MET M 101 2.22 -8.92 -62.49
N LYS M 102 2.81 -9.94 -63.12
CA LYS M 102 4.13 -10.40 -62.71
C LYS M 102 5.22 -9.44 -63.20
N GLN M 103 4.91 -8.65 -64.23
CA GLN M 103 5.77 -7.54 -64.60
C GLN M 103 5.56 -6.37 -63.67
N PHE M 104 4.44 -6.36 -62.94
CA PHE M 104 4.06 -5.29 -62.05
C PHE M 104 4.39 -5.62 -60.59
N LYS M 105 4.80 -6.85 -60.31
CA LYS M 105 5.37 -7.15 -58.99
C LYS M 105 6.81 -6.71 -58.91
N ASN M 106 7.55 -6.83 -60.03
CA ASN M 106 8.89 -6.25 -60.12
C ASN M 106 8.83 -4.73 -60.16
N SER M 107 7.73 -4.17 -60.65
CA SER M 107 7.49 -2.74 -60.66
C SER M 107 6.32 -2.40 -59.74
N PHE M 108 6.38 -2.92 -58.51
CA PHE M 108 5.36 -2.63 -57.51
C PHE M 108 5.42 -1.18 -57.05
N LYS M 109 6.60 -0.74 -56.63
CA LYS M 109 6.79 0.60 -56.08
C LYS M 109 8.29 0.88 -56.14
N LYS M 110 8.67 1.88 -56.92
CA LYS M 110 10.08 2.22 -57.09
C LYS M 110 10.44 3.43 -56.22
N ILE M 111 10.26 3.30 -54.91
CA ILE M 111 10.53 4.40 -53.99
C ILE M 111 10.77 3.83 -52.59
N LEU M 112 11.50 4.60 -51.77
CA LEU M 112 11.82 4.30 -50.36
C LEU M 112 12.52 2.96 -50.19
N GLN M 113 13.54 2.71 -51.02
CA GLN M 113 14.39 1.54 -50.82
C GLN M 113 15.35 1.76 -49.65
N ARG M 114 15.74 3.01 -49.39
CA ARG M 114 16.64 3.31 -48.28
C ARG M 114 15.87 3.40 -46.97
N ALA M 115 14.53 3.43 -47.04
CA ALA M 115 13.75 3.31 -45.82
C ALA M 115 13.82 1.88 -45.28
N LEU M 116 13.24 0.94 -46.02
CA LEU M 116 13.43 -0.49 -45.83
C LEU M 116 13.38 -1.09 -47.24
N LYS M 117 13.69 -2.38 -47.35
CA LYS M 117 13.71 -2.99 -48.68
C LYS M 117 12.29 -3.18 -49.22
N ASN M 118 11.49 -4.01 -48.54
CA ASN M 118 10.09 -4.23 -48.88
C ASN M 118 9.23 -3.97 -47.65
N VAL M 119 8.44 -2.90 -47.71
CA VAL M 119 7.80 -2.39 -46.49
C VAL M 119 6.36 -2.87 -46.41
N THR M 120 5.54 -2.51 -47.39
CA THR M 120 4.09 -2.53 -47.26
C THR M 120 3.42 -3.66 -48.02
N VAL M 121 4.19 -4.41 -48.82
CA VAL M 121 3.66 -5.02 -50.04
C VAL M 121 2.68 -6.15 -49.74
N SER M 122 1.52 -6.09 -50.38
CA SER M 122 0.54 -7.18 -50.35
C SER M 122 -0.30 -7.10 -51.62
N PHE M 123 -0.54 -8.26 -52.22
CA PHE M 123 -1.29 -8.36 -53.47
C PHE M 123 -2.57 -9.13 -53.23
N ARG M 124 -3.49 -9.06 -54.19
CA ARG M 124 -4.62 -9.95 -54.26
C ARG M 124 -4.78 -10.38 -55.72
N GLU M 125 -4.85 -11.69 -55.94
CA GLU M 125 -4.84 -12.26 -57.27
C GLU M 125 -6.25 -12.68 -57.63
N THR M 126 -6.91 -11.88 -58.48
CA THR M 126 -8.33 -12.04 -58.77
C THR M 126 -8.57 -11.72 -60.24
N GLU M 127 -9.59 -12.32 -60.86
CA GLU M 127 -10.06 -11.92 -62.17
C GLU M 127 -10.65 -10.50 -62.13
N GLU M 128 -10.89 -9.96 -63.34
CA GLU M 128 -11.38 -8.59 -63.58
C GLU M 128 -10.39 -7.57 -62.99
N ASN M 129 -9.10 -7.95 -63.00
CA ASN M 129 -7.97 -7.11 -62.58
C ASN M 129 -8.09 -6.61 -61.14
N ALA M 130 -8.82 -7.36 -60.31
CA ALA M 130 -9.21 -6.90 -58.97
C ALA M 130 -8.06 -7.16 -58.01
N VAL M 131 -6.99 -6.42 -58.17
CA VAL M 131 -5.87 -6.48 -57.24
C VAL M 131 -6.22 -5.57 -56.07
N TRP M 132 -5.74 -5.94 -54.90
CA TRP M 132 -6.01 -5.15 -53.69
C TRP M 132 -4.65 -4.85 -53.08
N ILE M 133 -4.03 -3.80 -53.58
CA ILE M 133 -2.69 -3.39 -53.17
C ILE M 133 -2.80 -2.72 -51.82
N ARG M 134 -2.10 -3.26 -50.82
CA ARG M 134 -2.12 -2.72 -49.47
C ARG M 134 -0.85 -1.92 -49.22
N ILE M 135 -1.00 -0.69 -48.74
CA ILE M 135 0.14 0.15 -48.38
C ILE M 135 -0.01 0.59 -46.93
N ALA M 136 0.93 0.19 -46.10
CA ALA M 136 1.01 0.61 -44.71
C ALA M 136 2.22 1.51 -44.57
N TRP M 137 1.97 2.82 -44.47
CA TRP M 137 3.01 3.82 -44.67
C TRP M 137 4.03 3.81 -43.54
N GLY M 138 5.13 4.53 -43.78
CA GLY M 138 6.21 4.60 -42.81
C GLY M 138 7.40 5.36 -43.34
N THR M 139 8.14 6.03 -42.47
CA THR M 139 9.27 6.85 -42.88
C THR M 139 10.53 6.00 -43.02
N GLN M 140 11.68 6.65 -43.10
CA GLN M 140 12.95 5.95 -43.22
C GLN M 140 13.51 5.50 -41.87
N TYR M 141 12.73 5.57 -40.79
CA TYR M 141 13.18 5.05 -39.51
C TYR M 141 12.17 4.11 -38.87
N THR M 142 10.91 4.16 -39.27
CA THR M 142 9.82 3.55 -38.53
C THR M 142 9.41 2.24 -39.17
N LYS M 143 9.15 1.23 -38.34
CA LYS M 143 8.46 0.06 -38.81
C LYS M 143 7.02 0.44 -39.15
N PRO M 144 6.45 -0.14 -40.22
CA PRO M 144 5.28 0.48 -40.86
C PRO M 144 4.00 0.36 -40.04
N ASN M 145 3.10 1.31 -40.29
CA ASN M 145 1.83 1.41 -39.58
C ASN M 145 0.90 0.32 -40.06
N GLN M 146 0.99 -0.87 -39.47
CA GLN M 146 0.24 -2.03 -39.93
C GLN M 146 -1.25 -1.97 -39.64
N TYR M 147 -1.76 -0.88 -39.06
CA TYR M 147 -3.15 -0.80 -38.65
C TYR M 147 -3.88 0.37 -39.29
N LYS M 148 -3.23 1.13 -40.16
CA LYS M 148 -3.88 2.15 -40.97
C LYS M 148 -3.43 1.95 -42.41
N PRO M 149 -3.98 0.96 -43.12
CA PRO M 149 -3.46 0.63 -44.44
C PRO M 149 -3.95 1.56 -45.54
N THR M 150 -3.61 1.23 -46.79
CA THR M 150 -4.15 1.93 -47.95
C THR M 150 -4.41 0.91 -49.04
N TYR M 151 -5.67 0.76 -49.43
CA TYR M 151 -6.07 -0.22 -50.43
C TYR M 151 -6.36 0.50 -51.73
N VAL M 152 -5.74 0.05 -52.80
CA VAL M 152 -6.02 0.56 -54.14
C VAL M 152 -6.44 -0.61 -55.01
N VAL M 153 -7.59 -0.49 -55.63
CA VAL M 153 -8.09 -1.50 -56.56
C VAL M 153 -8.04 -0.88 -57.95
N TYR M 154 -6.91 -1.09 -58.63
CA TYR M 154 -6.65 -0.50 -59.94
C TYR M 154 -6.61 -1.60 -61.00
N TYR M 155 -7.10 -1.28 -62.19
CA TYR M 155 -7.24 -2.25 -63.27
C TYR M 155 -6.20 -1.96 -64.35
N SER M 156 -5.74 -3.03 -65.00
CA SER M 156 -4.71 -2.88 -66.03
C SER M 156 -5.26 -2.35 -67.34
N GLN M 157 -6.53 -2.61 -67.63
CA GLN M 157 -7.16 -2.16 -68.86
C GLN M 157 -7.81 -0.79 -68.71
N THR M 158 -8.76 -0.67 -67.79
CA THR M 158 -9.38 0.62 -67.52
C THR M 158 -8.49 1.43 -66.59
N PRO M 159 -8.29 2.72 -66.86
CA PRO M 159 -7.38 3.53 -66.04
C PRO M 159 -7.95 4.00 -64.71
N TYR M 160 -9.13 3.53 -64.31
CA TYR M 160 -9.73 3.94 -63.05
C TYR M 160 -9.29 3.02 -61.91
N ALA M 161 -9.15 3.60 -60.73
CA ALA M 161 -8.73 2.88 -59.53
C ALA M 161 -9.76 3.10 -58.43
N PHE M 162 -9.85 2.13 -57.52
CA PHE M 162 -10.68 2.27 -56.33
C PHE M 162 -9.75 2.36 -55.13
N THR M 163 -9.54 3.56 -54.64
CA THR M 163 -8.56 3.83 -53.60
C THR M 163 -9.24 3.92 -52.25
N SER M 164 -8.71 3.24 -51.25
CA SER M 164 -9.29 3.32 -49.92
C SER M 164 -8.90 4.62 -49.24
N SER M 165 -9.65 4.97 -48.20
CA SER M 165 -9.33 6.14 -47.39
C SER M 165 -8.23 5.78 -46.40
N SER M 166 -7.18 6.60 -46.34
CA SER M 166 -6.16 6.49 -45.30
C SER M 166 -5.91 7.87 -44.72
N MET M 167 -5.89 7.95 -43.39
CA MET M 167 -5.79 9.25 -42.75
C MET M 167 -4.35 9.73 -42.72
N LEU M 168 -3.41 8.85 -43.03
CA LEU M 168 -2.03 9.23 -43.30
C LEU M 168 -2.01 10.06 -44.57
N ARG M 169 -1.84 11.37 -44.40
CA ARG M 169 -1.56 12.27 -45.50
C ARG M 169 -0.04 12.27 -45.72
N ARG M 170 0.47 13.25 -46.49
CA ARG M 170 1.88 13.41 -46.89
C ARG M 170 2.33 12.28 -47.84
N ASN M 171 1.47 11.31 -48.10
CA ASN M 171 1.74 10.19 -48.97
C ASN M 171 0.73 10.10 -50.11
N THR M 172 -0.36 10.88 -50.05
CA THR M 172 -1.44 10.86 -51.03
C THR M 172 -0.96 11.31 -52.42
N PRO M 173 -0.15 12.38 -52.59
CA PRO M 173 0.50 12.54 -53.90
C PRO M 173 1.72 11.65 -54.07
N LEU M 174 2.32 11.18 -52.97
CA LEU M 174 3.47 10.28 -53.10
C LEU M 174 3.04 8.92 -53.62
N LEU M 175 1.78 8.54 -53.42
CA LEU M 175 1.24 7.35 -54.05
C LEU M 175 0.79 7.62 -55.48
N GLY M 176 0.40 8.86 -55.78
CA GLY M 176 0.05 9.21 -57.14
C GLY M 176 1.25 9.33 -58.06
N GLN M 177 2.45 9.35 -57.49
CA GLN M 177 3.69 9.38 -58.26
C GLN M 177 4.40 8.04 -58.32
N ALA M 178 4.49 7.34 -57.19
CA ALA M 178 5.25 6.09 -57.16
C ALA M 178 4.49 4.96 -57.85
N LEU M 179 3.18 4.88 -57.62
CA LEU M 179 2.39 3.81 -58.22
C LEU M 179 2.05 4.10 -59.67
N THR M 180 2.15 5.36 -60.10
CA THR M 180 1.88 5.69 -61.50
C THR M 180 3.03 5.28 -62.40
N ILE M 181 4.28 5.54 -61.96
CA ILE M 181 5.45 5.05 -62.68
C ILE M 181 5.56 3.54 -62.55
N ALA M 182 4.99 2.98 -61.48
CA ALA M 182 4.97 1.53 -61.27
C ALA M 182 4.15 0.82 -62.33
N SER M 183 3.00 1.37 -62.70
CA SER M 183 2.28 0.91 -63.87
C SER M 183 2.74 1.72 -65.08
N LYS M 184 2.03 1.60 -66.19
CA LYS M 184 2.47 2.22 -67.44
C LYS M 184 1.72 3.54 -67.67
N HIS M 185 1.94 4.50 -66.77
CA HIS M 185 1.32 5.81 -66.86
C HIS M 185 2.27 6.86 -66.30
N HIS M 186 1.88 8.13 -66.43
CA HIS M 186 2.72 9.24 -66.01
C HIS M 186 2.01 10.27 -65.14
N GLN M 187 0.70 10.47 -65.36
CA GLN M 187 -0.04 11.53 -64.70
C GLN M 187 -1.25 10.95 -63.95
N ILE M 188 -1.54 11.52 -62.79
CA ILE M 188 -2.73 11.18 -62.01
C ILE M 188 -3.51 12.47 -61.75
N VAL M 189 -4.83 12.34 -61.67
CA VAL M 189 -5.70 13.44 -61.27
C VAL M 189 -6.43 13.03 -59.99
N LYS M 190 -6.94 14.04 -59.29
CA LYS M 190 -7.71 13.83 -58.05
C LYS M 190 -9.11 14.37 -58.28
N MET M 191 -10.11 13.50 -58.13
CA MET M 191 -11.50 13.86 -58.34
C MET M 191 -12.25 13.92 -57.01
N ASP M 192 -13.50 14.38 -57.10
CA ASP M 192 -14.40 14.45 -55.95
C ASP M 192 -15.32 13.24 -55.88
N LEU M 193 -14.84 12.07 -56.30
CA LEU M 193 -15.61 10.84 -56.27
C LEU M 193 -15.40 10.08 -54.96
N ARG M 194 -15.59 10.79 -53.85
CA ARG M 194 -15.37 10.23 -52.51
C ARG M 194 -16.71 9.62 -52.08
N SER M 195 -16.84 8.31 -52.27
CA SER M 195 -18.10 7.60 -52.09
C SER M 195 -18.02 6.65 -50.89
N ARG M 196 -18.93 5.59 -50.35
CA ARG M 196 -18.94 4.53 -49.35
C ARG M 196 -18.95 3.13 -49.96
N TYR M 197 -19.71 2.93 -51.03
CA TYR M 197 -19.84 1.61 -51.66
C TYR M 197 -18.99 1.53 -52.92
N LEU M 198 -18.64 0.30 -53.30
CA LEU M 198 -17.89 0.11 -54.54
C LEU M 198 -18.83 0.04 -55.74
N ASP M 199 -19.98 -0.62 -55.58
CA ASP M 199 -20.94 -0.71 -56.68
C ASP M 199 -21.68 0.61 -56.88
N SER M 200 -21.75 1.46 -55.86
CA SER M 200 -22.24 2.82 -56.07
C SER M 200 -21.24 3.63 -56.87
N LEU M 201 -19.94 3.32 -56.73
CA LEU M 201 -18.93 3.92 -57.57
C LEU M 201 -18.87 3.30 -58.95
N LYS M 202 -19.53 2.17 -59.16
CA LYS M 202 -19.60 1.57 -60.48
C LYS M 202 -20.48 2.39 -61.41
N ALA M 203 -21.55 2.98 -60.87
CA ALA M 203 -22.50 3.76 -61.65
C ALA M 203 -22.00 5.17 -61.95
N ILE M 204 -20.87 5.58 -61.40
CA ILE M 204 -20.31 6.89 -61.66
C ILE M 204 -18.95 6.82 -62.35
N VAL M 205 -18.31 5.65 -62.38
CA VAL M 205 -17.01 5.46 -63.03
C VAL M 205 -17.13 4.53 -64.23
N PHE M 206 -17.58 3.30 -63.98
CA PHE M 206 -17.68 2.32 -65.06
C PHE M 206 -18.83 2.61 -66.01
N LYS M 207 -19.83 3.36 -65.56
CA LYS M 207 -20.86 3.85 -66.47
C LYS M 207 -20.32 4.97 -67.35
N GLN M 208 -19.46 5.83 -66.79
CA GLN M 208 -18.94 6.98 -67.49
C GLN M 208 -17.61 6.72 -68.19
N TYR M 209 -17.14 5.47 -68.20
CA TYR M 209 -15.92 5.15 -68.94
C TYR M 209 -16.11 4.05 -69.96
N ASN M 210 -16.90 3.02 -69.64
CA ASN M 210 -17.14 1.94 -70.60
C ASN M 210 -18.23 2.27 -71.61
N GLN M 211 -18.93 3.38 -71.44
CA GLN M 211 -20.01 3.80 -72.34
C GLN M 211 -19.83 5.26 -72.74
N THR M 212 -18.61 5.63 -73.11
CA THR M 212 -18.33 6.99 -73.58
C THR M 212 -18.77 7.17 -75.02
N MET N 1 -9.84 18.68 34.94
CA MET N 1 -9.49 17.74 36.00
C MET N 1 -9.08 16.36 35.45
N ASP N 2 -9.48 15.27 36.10
CA ASP N 2 -8.88 13.96 35.83
C ASP N 2 -9.37 13.37 34.50
N GLU N 3 -8.45 12.68 33.81
CA GLU N 3 -8.77 12.05 32.54
C GLU N 3 -8.46 10.57 32.52
N THR N 4 -7.31 10.18 33.05
CA THR N 4 -6.84 8.81 32.90
C THR N 4 -7.54 7.82 33.82
N VAL N 5 -8.45 8.27 34.70
CA VAL N 5 -9.24 7.34 35.48
C VAL N 5 -10.44 6.85 34.70
N ALA N 6 -10.66 7.39 33.50
CA ALA N 6 -11.78 6.97 32.66
C ALA N 6 -11.71 5.51 32.31
N GLU N 7 -10.55 5.03 31.90
CA GLU N 7 -10.39 3.62 31.56
C GLU N 7 -10.36 2.76 32.82
N PHE N 8 -10.22 3.38 34.00
CA PHE N 8 -10.50 2.62 35.21
C PHE N 8 -12.00 2.47 35.43
N ILE N 9 -12.77 3.51 35.13
CA ILE N 9 -14.18 3.43 35.48
C ILE N 9 -14.99 2.88 34.33
N LYS N 10 -14.54 3.09 33.09
CA LYS N 10 -15.27 2.52 31.97
C LYS N 10 -15.08 1.02 31.87
N ARG N 11 -13.89 0.53 32.23
CA ARG N 11 -13.65 -0.91 32.16
C ARG N 11 -14.32 -1.64 33.30
N THR N 12 -14.47 -0.99 34.45
CA THR N 12 -15.02 -1.63 35.63
C THR N 12 -16.52 -1.85 35.50
N ILE N 13 -17.24 -0.82 35.06
CA ILE N 13 -18.69 -0.86 34.94
C ILE N 13 -19.13 -1.89 33.91
N LEU N 14 -18.33 -2.09 32.86
CA LEU N 14 -18.66 -3.09 31.86
C LEU N 14 -18.63 -4.51 32.39
N LYS N 15 -17.91 -4.77 33.48
CA LYS N 15 -17.90 -6.12 34.01
C LYS N 15 -19.15 -6.45 34.79
N ILE N 16 -19.91 -5.44 35.21
CA ILE N 16 -21.18 -5.69 35.90
C ILE N 16 -22.17 -6.26 34.90
N PRO N 17 -22.91 -7.31 35.25
CA PRO N 17 -23.92 -7.85 34.33
C PRO N 17 -25.10 -6.89 34.20
N MET N 18 -25.93 -7.15 33.19
CA MET N 18 -27.15 -6.35 33.03
C MET N 18 -28.19 -6.63 34.11
N ASN N 19 -28.07 -7.74 34.83
CA ASN N 19 -29.03 -8.05 35.89
C ASN N 19 -28.94 -7.07 37.05
N GLU N 20 -27.75 -6.60 37.40
CA GLU N 20 -27.61 -5.75 38.57
C GLU N 20 -26.71 -4.55 38.29
N LEU N 21 -26.91 -3.90 37.15
CA LEU N 21 -26.12 -2.72 36.82
C LEU N 21 -26.57 -1.52 37.65
N THR N 22 -27.87 -1.25 37.67
CA THR N 22 -28.39 -0.11 38.41
C THR N 22 -28.50 -0.37 39.90
N THR N 23 -28.36 -1.61 40.35
CA THR N 23 -28.32 -1.90 41.78
C THR N 23 -27.00 -1.43 42.38
N ILE N 24 -25.90 -1.62 41.65
CA ILE N 24 -24.58 -1.13 42.05
C ILE N 24 -24.59 0.39 42.11
N LEU N 25 -25.15 1.04 41.08
CA LEU N 25 -25.09 2.49 40.98
C LEU N 25 -25.91 3.17 42.07
N LYS N 26 -27.00 2.53 42.51
CA LYS N 26 -27.73 3.04 43.65
C LYS N 26 -27.03 2.68 44.95
N ALA N 27 -26.23 1.61 44.95
CA ALA N 27 -25.46 1.27 46.13
C ALA N 27 -24.11 1.98 46.18
N TRP N 28 -23.64 2.51 45.05
CA TRP N 28 -22.37 3.23 45.06
C TRP N 28 -22.51 4.57 45.75
N ASP N 29 -23.71 5.16 45.67
CA ASP N 29 -24.09 6.41 46.34
C ASP N 29 -23.13 7.54 45.95
N PHE N 30 -23.13 7.82 44.66
CA PHE N 30 -22.36 8.93 44.13
C PHE N 30 -23.16 9.80 43.18
N LEU N 31 -24.19 9.26 42.54
CA LEU N 31 -24.95 9.96 41.53
C LEU N 31 -26.36 10.22 42.04
N SER N 32 -26.94 11.33 41.62
CA SER N 32 -28.32 11.63 41.97
C SER N 32 -29.26 10.98 40.96
N GLU N 33 -30.30 10.33 41.48
CA GLU N 33 -31.26 9.61 40.64
C GLU N 33 -32.15 10.55 39.84
N ASN N 34 -32.08 11.85 40.08
CA ASN N 34 -32.59 12.83 39.13
C ASN N 34 -31.91 12.68 37.77
N GLN N 35 -30.61 12.35 37.78
CA GLN N 35 -29.90 12.14 36.54
C GLN N 35 -30.03 10.71 36.02
N LEU N 36 -30.21 9.73 36.91
CA LEU N 36 -30.31 8.34 36.50
C LEU N 36 -31.55 8.06 35.66
N GLN N 37 -32.59 8.88 35.83
CA GLN N 37 -33.81 8.77 35.04
C GLN N 37 -33.56 9.05 33.56
N THR N 38 -32.53 9.85 33.25
CA THR N 38 -32.24 10.24 31.88
C THR N 38 -31.76 9.05 31.04
N VAL N 39 -30.95 8.18 31.63
CA VAL N 39 -30.24 7.14 30.88
C VAL N 39 -31.21 6.01 30.54
N ASN N 40 -31.23 5.61 29.27
CA ASN N 40 -32.04 4.47 28.86
C ASN N 40 -31.29 3.17 29.16
N PHE N 41 -31.76 2.44 30.16
CA PHE N 41 -31.12 1.22 30.65
C PHE N 41 -31.69 -0.02 29.95
N ARG N 42 -32.01 0.13 28.68
CA ARG N 42 -32.74 -0.90 27.94
C ARG N 42 -31.95 -1.29 26.69
N GLN N 43 -31.17 -0.36 26.17
CA GLN N 43 -30.48 -0.53 24.91
C GLN N 43 -29.15 -1.25 25.11
N ARG N 44 -28.29 -1.22 24.09
CA ARG N 44 -26.98 -1.87 24.12
C ARG N 44 -26.07 -1.27 25.19
N LYS N 45 -25.31 -2.15 25.85
CA LYS N 45 -24.49 -1.77 27.00
C LYS N 45 -23.40 -0.77 26.66
N GLU N 46 -22.74 -0.96 25.51
CA GLU N 46 -21.52 -0.20 25.23
C GLU N 46 -21.83 1.25 24.93
N SER N 47 -23.05 1.54 24.46
CA SER N 47 -23.46 2.93 24.36
C SER N 47 -23.95 3.49 25.68
N VAL N 48 -24.35 2.63 26.63
CA VAL N 48 -24.87 3.11 27.90
C VAL N 48 -23.72 3.64 28.76
N VAL N 49 -22.60 2.93 28.78
CA VAL N 49 -21.49 3.29 29.65
C VAL N 49 -20.79 4.57 29.20
N GLN N 50 -21.02 5.02 27.97
CA GLN N 50 -20.52 6.34 27.61
C GLN N 50 -21.32 7.43 28.29
N HIS N 51 -22.65 7.31 28.32
CA HIS N 51 -23.51 8.34 28.89
C HIS N 51 -23.37 8.41 30.40
N LEU N 52 -23.05 7.28 31.04
CA LEU N 52 -22.83 7.28 32.48
C LEU N 52 -21.58 8.07 32.83
N ILE N 53 -20.47 7.83 32.14
CA ILE N 53 -19.21 8.49 32.47
C ILE N 53 -19.24 9.94 31.99
N HIS N 54 -20.01 10.21 30.94
CA HIS N 54 -20.21 11.59 30.49
C HIS N 54 -21.00 12.39 31.54
N LEU N 55 -21.78 11.71 32.37
CA LEU N 55 -22.24 12.33 33.62
C LEU N 55 -21.15 12.29 34.68
N CYS N 56 -20.45 11.17 34.81
CA CYS N 56 -19.57 10.99 35.97
C CYS N 56 -18.29 11.80 35.87
N GLU N 57 -17.77 12.03 34.66
CA GLU N 57 -16.60 12.87 34.52
C GLU N 57 -16.93 14.35 34.53
N GLU N 58 -18.20 14.70 34.51
CA GLU N 58 -18.61 16.09 34.53
C GLU N 58 -19.24 16.49 35.85
N LYS N 59 -19.56 15.53 36.70
CA LYS N 59 -19.90 15.85 38.09
C LYS N 59 -18.63 15.99 38.93
N ARG N 60 -17.91 14.89 39.10
CA ARG N 60 -16.66 14.88 39.87
C ARG N 60 -15.74 13.81 39.29
N ALA N 61 -14.53 14.21 38.97
CA ALA N 61 -13.50 13.29 38.48
C ALA N 61 -12.56 13.04 39.65
N SER N 62 -12.58 11.81 40.18
CA SER N 62 -12.08 11.53 41.52
C SER N 62 -11.50 10.12 41.61
N ILE N 63 -10.17 10.02 41.62
CA ILE N 63 -9.52 8.73 41.78
C ILE N 63 -9.72 8.15 43.17
N SER N 64 -9.78 9.00 44.20
CA SER N 64 -9.97 8.53 45.57
C SER N 64 -11.38 7.97 45.76
N ASP N 65 -12.32 8.42 44.93
CA ASP N 65 -13.65 7.88 44.96
C ASP N 65 -13.86 6.87 43.84
N ALA N 66 -12.91 6.76 42.92
CA ALA N 66 -13.04 5.76 41.86
C ALA N 66 -12.80 4.36 42.39
N ALA N 67 -11.92 4.22 43.39
CA ALA N 67 -11.64 2.90 43.94
C ALA N 67 -12.81 2.38 44.75
N LEU N 68 -13.65 3.28 45.26
CA LEU N 68 -14.75 2.87 46.13
C LEU N 68 -15.82 2.12 45.35
N LEU N 69 -15.93 2.39 44.05
CA LEU N 69 -16.79 1.56 43.20
C LEU N 69 -16.28 0.12 43.16
N ASP N 70 -14.98 -0.04 43.01
CA ASP N 70 -14.45 -1.37 42.78
C ASP N 70 -14.41 -2.20 44.06
N ILE N 71 -14.59 -1.56 45.22
CA ILE N 71 -14.96 -2.32 46.42
C ILE N 71 -16.30 -2.98 46.21
N ILE N 72 -17.27 -2.22 45.71
CA ILE N 72 -18.65 -2.66 45.68
C ILE N 72 -18.86 -3.73 44.62
N TYR N 73 -18.05 -3.72 43.56
CA TYR N 73 -18.13 -4.80 42.58
C TYR N 73 -17.67 -6.12 43.16
N MET N 74 -16.68 -6.08 44.06
CA MET N 74 -16.21 -7.31 44.68
C MET N 74 -17.12 -7.71 45.84
N GLN N 75 -17.98 -6.79 46.28
CA GLN N 75 -18.98 -7.13 47.29
C GLN N 75 -20.03 -8.08 46.75
N PHE N 76 -20.36 -7.99 45.47
CA PHE N 76 -21.38 -8.84 44.88
C PHE N 76 -20.82 -9.86 43.93
N HIS N 77 -19.51 -10.08 43.98
CA HIS N 77 -18.84 -11.18 43.30
C HIS N 77 -17.85 -11.81 44.24
N GLN N 78 -18.28 -11.99 45.50
CA GLN N 78 -17.50 -12.64 46.55
C GLN N 78 -17.13 -14.06 46.19
N HIS N 79 -18.01 -14.76 45.48
CA HIS N 79 -17.85 -16.16 45.16
C HIS N 79 -16.70 -16.44 44.20
N GLN N 80 -16.29 -15.45 43.40
CA GLN N 80 -15.32 -15.71 42.34
C GLN N 80 -13.90 -15.81 42.91
N LYS N 81 -13.47 -14.80 43.66
CA LYS N 81 -12.12 -14.75 44.19
C LYS N 81 -11.92 -15.77 45.31
N VAL N 82 -10.68 -16.23 45.44
CA VAL N 82 -10.28 -17.12 46.52
C VAL N 82 -10.01 -16.29 47.75
N TRP N 83 -10.77 -16.53 48.80
CA TRP N 83 -10.66 -15.74 50.02
C TRP N 83 -9.81 -16.47 51.05
N ASP N 84 -8.80 -15.75 51.54
CA ASP N 84 -7.85 -16.28 52.50
C ASP N 84 -8.13 -15.62 53.84
N VAL N 85 -7.88 -16.38 54.90
CA VAL N 85 -8.13 -15.94 56.27
C VAL N 85 -6.79 -15.84 56.99
N PHE N 86 -6.56 -14.70 57.62
CA PHE N 86 -5.39 -14.48 58.45
C PHE N 86 -5.83 -14.34 59.91
N GLN N 87 -4.87 -14.02 60.78
CA GLN N 87 -5.15 -13.71 62.17
C GLN N 87 -3.99 -12.91 62.75
N MET N 88 -4.32 -11.83 63.46
CA MET N 88 -3.34 -11.13 64.28
C MET N 88 -3.49 -11.57 65.73
N SER N 89 -2.49 -11.25 66.54
CA SER N 89 -2.53 -11.57 67.97
C SER N 89 -1.60 -10.63 68.71
N LYS N 90 -1.48 -10.85 70.02
CA LYS N 90 -0.66 -10.06 70.94
C LYS N 90 -1.00 -8.57 70.88
N GLY N 91 -2.31 -8.31 70.94
CA GLY N 91 -2.82 -6.95 70.92
C GLY N 91 -4.33 -6.90 71.06
N PHE N 99 -17.19 1.62 67.15
CA PHE N 99 -16.12 2.59 67.07
C PHE N 99 -15.56 2.63 65.65
N ASP N 100 -15.20 3.82 65.18
CA ASP N 100 -14.92 4.00 63.76
C ASP N 100 -13.49 3.69 63.35
N MET N 101 -12.59 3.43 64.33
CA MET N 101 -11.15 3.31 64.09
C MET N 101 -10.60 4.51 63.33
N LYS N 102 -10.90 5.71 63.83
CA LYS N 102 -10.58 6.92 63.07
C LYS N 102 -9.08 7.21 63.10
N GLN N 103 -8.38 6.72 64.12
CA GLN N 103 -6.93 6.73 64.10
C GLN N 103 -6.38 5.77 63.05
N PHE N 104 -7.12 4.71 62.71
CA PHE N 104 -6.68 3.73 61.72
C PHE N 104 -6.87 4.24 60.31
N LYS N 105 -7.79 5.19 60.10
CA LYS N 105 -7.90 5.84 58.80
C LYS N 105 -6.71 6.75 58.54
N ASN N 106 -6.35 7.58 59.53
CA ASN N 106 -5.18 8.42 59.42
C ASN N 106 -3.89 7.60 59.38
N SER N 107 -3.89 6.44 60.03
CA SER N 107 -2.77 5.51 59.98
C SER N 107 -3.07 4.37 59.03
N PHE N 108 -3.69 4.70 57.88
CA PHE N 108 -3.88 3.72 56.82
C PHE N 108 -2.55 3.18 56.33
N LYS N 109 -1.56 4.06 56.19
CA LYS N 109 -0.27 3.68 55.62
C LYS N 109 0.84 4.18 56.55
N LYS N 110 1.23 3.38 57.52
CA LYS N 110 2.49 3.59 58.23
C LYS N 110 3.57 2.65 57.66
N ILE N 111 3.79 2.81 56.35
CA ILE N 111 4.77 2.00 55.62
C ILE N 111 5.13 2.79 54.37
N LEU N 112 6.28 2.45 53.77
CA LEU N 112 6.60 2.70 52.33
C LEU N 112 6.46 4.17 51.92
N GLN N 113 7.31 5.03 52.46
CA GLN N 113 7.02 6.46 52.43
C GLN N 113 7.57 7.15 51.19
N ARG N 114 8.57 6.56 50.54
CA ARG N 114 9.23 7.25 49.43
C ARG N 114 8.48 7.08 48.12
N ALA N 115 7.61 6.08 48.04
CA ALA N 115 6.79 5.89 46.86
C ALA N 115 5.44 6.60 47.00
N LEU N 116 4.67 6.20 48.02
CA LEU N 116 3.27 6.60 48.13
C LEU N 116 2.96 7.05 49.55
N LYS N 117 2.23 8.15 49.68
CA LYS N 117 1.73 8.57 50.99
C LYS N 117 0.53 7.73 51.41
N ASN N 118 -0.35 7.44 50.45
CA ASN N 118 -1.40 6.44 50.61
C ASN N 118 -1.37 5.55 49.36
N VAL N 119 -1.58 4.24 49.54
CA VAL N 119 -1.27 3.31 48.47
C VAL N 119 -2.31 3.43 47.36
N THR N 120 -3.50 2.92 47.64
CA THR N 120 -4.74 3.07 46.88
C THR N 120 -5.94 3.21 47.79
N VAL N 121 -5.88 4.20 48.69
CA VAL N 121 -6.65 4.25 49.93
C VAL N 121 -8.15 4.00 49.74
N SER N 122 -8.68 3.10 50.55
CA SER N 122 -10.05 2.63 50.43
C SER N 122 -10.59 2.31 51.81
N PHE N 123 -11.82 2.73 52.07
CA PHE N 123 -12.52 2.39 53.29
C PHE N 123 -13.99 2.17 52.97
N ARG N 124 -14.71 1.51 53.88
CA ARG N 124 -16.15 1.36 53.78
C ARG N 124 -16.71 1.07 55.17
N GLU N 125 -17.78 1.78 55.52
CA GLU N 125 -18.41 1.64 56.83
C GLU N 125 -19.49 0.56 56.73
N THR N 126 -19.10 -0.67 57.04
CA THR N 126 -19.99 -1.82 56.94
C THR N 126 -20.04 -2.49 58.29
N GLU N 127 -21.24 -2.91 58.69
CA GLU N 127 -21.43 -3.55 59.99
C GLU N 127 -20.88 -4.97 59.99
N GLU N 128 -21.03 -5.61 61.15
CA GLU N 128 -20.20 -6.74 61.60
C GLU N 128 -18.73 -6.33 61.51
N ASN N 129 -18.44 -5.11 62.02
CA ASN N 129 -17.09 -4.56 62.23
C ASN N 129 -16.27 -4.49 60.94
N ALA N 130 -16.96 -4.40 59.81
CA ALA N 130 -16.34 -4.67 58.53
C ALA N 130 -15.70 -3.41 57.97
N VAL N 131 -14.40 -3.43 57.84
CA VAL N 131 -13.71 -2.47 56.99
C VAL N 131 -13.51 -3.16 55.65
N TRP N 132 -13.50 -2.37 54.58
CA TRP N 132 -13.27 -2.89 53.24
C TRP N 132 -12.05 -2.13 52.71
N ILE N 133 -10.94 -2.86 52.55
CA ILE N 133 -9.67 -2.26 52.18
C ILE N 133 -9.32 -2.73 50.78
N ARG N 134 -9.07 -1.81 49.88
CA ARG N 134 -8.54 -2.13 48.56
C ARG N 134 -7.11 -1.61 48.46
N ILE N 135 -6.17 -2.51 48.26
CA ILE N 135 -4.76 -2.15 48.12
C ILE N 135 -4.35 -2.56 46.73
N ALA N 136 -3.69 -1.67 46.01
CA ALA N 136 -3.09 -2.04 44.73
C ALA N 136 -1.66 -1.52 44.73
N TRP N 137 -0.72 -2.40 44.45
CA TRP N 137 0.67 -2.12 44.79
C TRP N 137 1.36 -1.32 43.70
N GLY N 138 2.36 -0.55 44.13
CA GLY N 138 3.17 0.24 43.22
C GLY N 138 4.48 0.63 43.85
N THR N 139 5.58 0.47 43.12
CA THR N 139 6.90 0.70 43.68
C THR N 139 7.33 2.15 43.43
N GLN N 140 8.61 2.40 43.62
CA GLN N 140 9.20 3.74 43.74
C GLN N 140 9.06 4.60 42.49
N TYR N 141 8.95 4.02 41.30
CA TYR N 141 8.68 4.81 40.10
C TYR N 141 7.55 4.20 39.30
N THR N 142 6.91 3.17 39.83
CA THR N 142 5.80 2.51 39.18
C THR N 142 4.54 2.85 39.95
N LYS N 143 3.62 3.54 39.26
CA LYS N 143 2.35 3.93 39.86
C LYS N 143 1.51 2.69 40.16
N PRO N 144 0.65 2.74 41.17
CA PRO N 144 -0.05 1.53 41.62
C PRO N 144 -0.97 0.92 40.57
N ASN N 145 -0.82 -0.39 40.40
CA ASN N 145 -1.44 -1.14 39.32
C ASN N 145 -2.92 -1.32 39.61
N GLN N 146 -3.75 -0.56 38.91
CA GLN N 146 -5.18 -0.46 39.21
C GLN N 146 -5.99 -1.65 38.70
N TYR N 147 -5.37 -2.74 38.31
CA TYR N 147 -6.10 -3.88 37.80
C TYR N 147 -5.75 -5.18 38.49
N LYS N 148 -4.96 -5.12 39.57
CA LYS N 148 -4.78 -6.24 40.49
C LYS N 148 -4.89 -5.71 41.90
N PRO N 149 -6.11 -5.63 42.45
CA PRO N 149 -6.26 -5.10 43.80
C PRO N 149 -5.89 -6.12 44.88
N THR N 150 -6.11 -5.73 46.13
CA THR N 150 -5.98 -6.61 47.29
C THR N 150 -7.09 -6.27 48.25
N TYR N 151 -7.95 -7.24 48.54
CA TYR N 151 -9.13 -7.01 49.36
C TYR N 151 -8.94 -7.66 50.71
N VAL N 152 -8.69 -6.85 51.73
CA VAL N 152 -8.51 -7.32 53.10
C VAL N 152 -9.69 -6.86 53.91
N VAL N 153 -10.44 -7.81 54.47
CA VAL N 153 -11.64 -7.50 55.23
C VAL N 153 -11.39 -7.94 56.66
N TYR N 154 -10.92 -7.01 57.48
CA TYR N 154 -10.61 -7.27 58.87
C TYR N 154 -11.70 -6.72 59.77
N TYR N 155 -12.03 -7.45 60.82
CA TYR N 155 -13.07 -7.06 61.75
C TYR N 155 -12.41 -6.60 63.03
N SER N 156 -12.94 -5.53 63.63
CA SER N 156 -12.28 -4.88 64.77
C SER N 156 -12.27 -5.74 66.02
N GLN N 157 -13.22 -6.66 66.17
CA GLN N 157 -13.30 -7.49 67.37
C GLN N 157 -12.57 -8.83 67.20
N THR N 158 -12.99 -9.63 66.24
CA THR N 158 -12.32 -10.89 66.01
C THR N 158 -10.99 -10.65 65.33
N PRO N 159 -9.92 -11.34 65.71
CA PRO N 159 -8.59 -11.08 65.14
C PRO N 159 -8.42 -11.57 63.72
N TYR N 160 -9.40 -12.28 63.20
CA TYR N 160 -9.35 -12.88 61.88
C TYR N 160 -9.68 -11.84 60.83
N ALA N 161 -8.89 -11.82 59.77
CA ALA N 161 -9.09 -10.92 58.64
C ALA N 161 -9.35 -11.74 57.40
N PHE N 162 -10.29 -11.29 56.57
CA PHE N 162 -10.64 -11.97 55.33
C PHE N 162 -9.89 -11.28 54.20
N THR N 163 -8.82 -11.91 53.74
CA THR N 163 -7.84 -11.29 52.85
C THR N 163 -7.88 -11.97 51.48
N SER N 164 -7.92 -11.16 50.43
CA SER N 164 -7.97 -11.69 49.08
C SER N 164 -6.64 -12.32 48.68
N SER N 165 -6.74 -13.43 47.95
CA SER N 165 -5.56 -14.00 47.31
C SER N 165 -5.13 -13.07 46.19
N SER N 166 -4.04 -12.34 46.40
CA SER N 166 -3.60 -11.30 45.48
C SER N 166 -2.33 -11.75 44.76
N MET N 167 -2.37 -11.70 43.44
CA MET N 167 -1.38 -12.39 42.64
C MET N 167 -0.08 -11.63 42.49
N LEU N 168 -0.01 -10.40 42.99
CA LEU N 168 1.29 -9.83 43.28
C LEU N 168 1.87 -10.58 44.47
N ARG N 169 3.00 -11.24 44.24
CA ARG N 169 3.83 -11.76 45.32
C ARG N 169 4.78 -10.63 45.71
N ARG N 170 5.80 -10.92 46.53
CA ARG N 170 6.80 -9.95 47.00
C ARG N 170 6.16 -8.78 47.77
N ASN N 171 4.95 -9.00 48.26
CA ASN N 171 4.22 -8.07 49.09
C ASN N 171 3.45 -8.79 50.18
N THR N 172 3.64 -10.09 50.30
CA THR N 172 2.81 -10.95 51.13
C THR N 172 3.11 -10.79 52.63
N PRO N 173 4.38 -10.68 53.10
CA PRO N 173 4.56 -10.20 54.49
C PRO N 173 4.69 -8.70 54.60
N LEU N 174 4.86 -8.00 53.48
CA LEU N 174 4.99 -6.56 53.48
C LEU N 174 3.71 -5.89 53.97
N LEU N 175 2.56 -6.50 53.72
CA LEU N 175 1.29 -5.93 54.12
C LEU N 175 0.83 -6.40 55.49
N GLY N 176 1.17 -7.63 55.88
CA GLY N 176 0.64 -8.17 57.12
C GLY N 176 1.16 -7.46 58.36
N GLN N 177 2.47 -7.20 58.41
CA GLN N 177 3.09 -6.52 59.53
C GLN N 177 2.84 -5.03 59.53
N ALA N 178 2.72 -4.41 58.35
CA ALA N 178 2.41 -2.99 58.28
C ALA N 178 0.95 -2.73 58.63
N LEU N 179 0.11 -3.76 58.50
CA LEU N 179 -1.23 -3.73 59.06
C LEU N 179 -1.22 -4.06 60.55
N THR N 180 -0.25 -4.86 60.99
CA THR N 180 -0.14 -5.20 62.42
C THR N 180 0.34 -4.01 63.24
N ILE N 181 1.29 -3.24 62.70
CA ILE N 181 1.81 -2.07 63.40
C ILE N 181 0.77 -0.95 63.50
N ALA N 182 0.09 -0.64 62.39
CA ALA N 182 -0.85 0.47 62.37
C ALA N 182 -2.11 0.15 63.16
N SER N 183 -2.53 -1.11 63.17
CA SER N 183 -3.57 -1.55 64.07
C SER N 183 -2.95 -1.87 65.43
N LYS N 184 -3.78 -2.26 66.39
CA LYS N 184 -3.30 -2.51 67.76
C LYS N 184 -2.99 -3.98 67.96
N HIS N 185 -1.91 -4.43 67.32
CA HIS N 185 -1.41 -5.80 67.48
C HIS N 185 0.09 -5.81 67.34
N HIS N 186 0.69 -6.96 67.69
CA HIS N 186 2.13 -7.14 67.56
C HIS N 186 2.49 -8.40 66.78
N GLN N 187 1.74 -9.48 66.97
CA GLN N 187 1.99 -10.73 66.28
C GLN N 187 0.88 -11.01 65.27
N ILE N 188 1.28 -11.44 64.07
CA ILE N 188 0.34 -11.84 63.03
C ILE N 188 0.70 -13.23 62.54
N VAL N 189 -0.31 -14.09 62.44
CA VAL N 189 -0.12 -15.46 61.99
C VAL N 189 -0.90 -15.65 60.69
N LYS N 190 -0.60 -16.75 60.02
CA LYS N 190 -1.12 -17.06 58.69
C LYS N 190 -1.64 -18.48 58.71
N MET N 191 -2.80 -18.70 58.11
CA MET N 191 -3.44 -20.00 58.15
C MET N 191 -3.71 -20.55 56.75
N ASP N 192 -4.06 -21.84 56.72
CA ASP N 192 -4.41 -22.55 55.50
C ASP N 192 -5.89 -22.46 55.19
N LEU N 193 -6.56 -21.42 55.67
CA LEU N 193 -8.00 -21.25 55.50
C LEU N 193 -8.31 -20.43 54.26
N ARG N 194 -7.77 -20.87 53.13
CA ARG N 194 -7.78 -20.12 51.88
C ARG N 194 -8.81 -20.77 50.96
N SER N 195 -10.05 -20.27 51.00
CA SER N 195 -11.15 -20.94 50.31
C SER N 195 -11.81 -20.02 49.28
N ARG N 196 -12.87 -20.59 48.73
CA ARG N 196 -13.54 -19.86 47.68
C ARG N 196 -14.69 -18.99 48.19
N TYR N 197 -15.47 -19.48 49.15
CA TYR N 197 -16.62 -18.75 49.67
C TYR N 197 -16.29 -18.11 51.02
N LEU N 198 -17.04 -17.05 51.36
CA LEU N 198 -16.86 -16.42 52.66
C LEU N 198 -17.67 -17.15 53.73
N ASP N 199 -18.90 -17.57 53.40
CA ASP N 199 -19.70 -18.31 54.36
C ASP N 199 -19.22 -19.73 54.57
N SER N 200 -18.49 -20.28 53.60
CA SER N 200 -17.81 -21.55 53.84
C SER N 200 -16.65 -21.37 54.80
N LEU N 201 -16.04 -20.18 54.78
CA LEU N 201 -15.03 -19.84 55.78
C LEU N 201 -15.63 -19.46 57.12
N LYS N 202 -16.95 -19.22 57.17
CA LYS N 202 -17.60 -18.95 58.45
C LYS N 202 -17.66 -20.19 59.32
N ALA N 203 -17.85 -21.37 58.69
CA ALA N 203 -17.97 -22.63 59.41
C ALA N 203 -16.62 -23.18 59.85
N ILE N 204 -15.52 -22.57 59.46
CA ILE N 204 -14.20 -23.01 59.87
C ILE N 204 -13.47 -21.97 60.71
N VAL N 205 -13.93 -20.73 60.73
CA VAL N 205 -13.31 -19.66 61.52
C VAL N 205 -14.26 -19.19 62.63
N PHE N 206 -15.44 -18.73 62.26
CA PHE N 206 -16.38 -18.20 63.25
C PHE N 206 -17.02 -19.30 64.07
N LYS N 207 -17.04 -20.53 63.56
CA LYS N 207 -17.45 -21.67 64.37
C LYS N 207 -16.37 -22.03 65.38
N GLN N 208 -15.10 -21.91 64.98
CA GLN N 208 -13.97 -22.31 65.81
C GLN N 208 -13.40 -21.16 66.64
N TYR N 209 -14.04 -20.00 66.63
CA TYR N 209 -13.60 -18.90 67.49
C TYR N 209 -14.68 -18.37 68.40
N ASN N 210 -15.92 -18.28 67.93
CA ASN N 210 -17.01 -17.80 68.77
C ASN N 210 -17.59 -18.89 69.67
N GLN N 211 -17.19 -20.14 69.49
CA GLN N 211 -17.68 -21.26 70.29
C GLN N 211 -16.51 -22.10 70.79
N THR N 212 -15.49 -21.44 71.33
CA THR N 212 -14.35 -22.14 71.91
C THR N 212 -14.68 -22.67 73.31
#